data_4DNB
# 
_entry.id   4DNB 
# 
_audit_conform.dict_name       mmcif_pdbx.dic 
_audit_conform.dict_version    5.387 
_audit_conform.dict_location   http://mmcif.pdb.org/dictionaries/ascii/mmcif_pdbx.dic 
# 
loop_
_database_2.database_id 
_database_2.database_code 
_database_2.pdbx_database_accession 
_database_2.pdbx_DOI 
PDB   4DNB         pdb_00004dnb 10.2210/pdb4dnb/pdb 
RCSB  BDLB13       ?            ?                   
WWPDB D_1000179302 ?            ?                   
# 
loop_
_pdbx_audit_revision_history.ordinal 
_pdbx_audit_revision_history.data_content_type 
_pdbx_audit_revision_history.major_revision 
_pdbx_audit_revision_history.minor_revision 
_pdbx_audit_revision_history.revision_date 
1 'Structure model' 1 0 1989-01-09 
2 'Structure model' 1 1 2008-05-22 
3 'Structure model' 1 2 2011-07-13 
4 'Structure model' 1 3 2024-02-28 
# 
_pdbx_audit_revision_details.ordinal             1 
_pdbx_audit_revision_details.revision_ordinal    1 
_pdbx_audit_revision_details.data_content_type   'Structure model' 
_pdbx_audit_revision_details.provider            repository 
_pdbx_audit_revision_details.type                'Initial release' 
_pdbx_audit_revision_details.description         ? 
_pdbx_audit_revision_details.details             ? 
# 
loop_
_pdbx_audit_revision_group.ordinal 
_pdbx_audit_revision_group.revision_ordinal 
_pdbx_audit_revision_group.data_content_type 
_pdbx_audit_revision_group.group 
1 2 'Structure model' 'Version format compliance' 
2 3 'Structure model' 'Version format compliance' 
3 4 'Structure model' 'Data collection'           
4 4 'Structure model' 'Database references'       
5 4 'Structure model' 'Derived calculations'      
# 
loop_
_pdbx_audit_revision_category.ordinal 
_pdbx_audit_revision_category.revision_ordinal 
_pdbx_audit_revision_category.data_content_type 
_pdbx_audit_revision_category.category 
1 4 'Structure model' chem_comp_atom 
2 4 'Structure model' chem_comp_bond 
3 4 'Structure model' database_2     
4 4 'Structure model' struct_conn    
# 
loop_
_pdbx_audit_revision_item.ordinal 
_pdbx_audit_revision_item.revision_ordinal 
_pdbx_audit_revision_item.data_content_type 
_pdbx_audit_revision_item.item 
1 4 'Structure model' '_database_2.pdbx_DOI'                
2 4 'Structure model' '_database_2.pdbx_database_accession' 
3 4 'Structure model' '_struct_conn.pdbx_leaving_atom_flag' 
# 
_pdbx_database_status.status_code                     REL 
_pdbx_database_status.entry_id                        4DNB 
_pdbx_database_status.recvd_initial_deposition_date   1988-08-29 
_pdbx_database_status.deposit_site                    BNL 
_pdbx_database_status.process_site                    BNL 
_pdbx_database_status.SG_entry                        . 
_pdbx_database_status.pdb_format_compatible           Y 
_pdbx_database_status.status_code_mr                  ? 
_pdbx_database_status.status_code_sf                  ? 
_pdbx_database_status.status_code_cs                  ? 
_pdbx_database_status.status_code_nmr_data            ? 
_pdbx_database_status.methods_development_category    ? 
# 
loop_
_audit_author.name 
_audit_author.pdbx_ordinal 
'Frederick, C.A.'     1 
'Quigley, G.J.'       2 
'Van Der Marel, G.A.' 3 
'Van Boom, J.H.'      4 
'Wang, A.H.-J.'       5 
'Rich, A.'            6 
# 
_citation.id                        primary 
_citation.title                     
;Methylation of the EcoRI recognition site does not alter DNA conformation: the crystal structure of d(CGCGAm6ATTCGCG) at 2.0-A resolution.
;
_citation.journal_abbrev            J.Biol.Chem. 
_citation.journal_volume            263 
_citation.page_first                17872 
_citation.page_last                 17879 
_citation.year                      1988 
_citation.journal_id_ASTM           JBCHA3 
_citation.country                   US 
_citation.journal_id_ISSN           0021-9258 
_citation.journal_id_CSD            0071 
_citation.book_publisher            ? 
_citation.pdbx_database_id_PubMed   2846582 
_citation.pdbx_database_id_DOI      ? 
# 
loop_
_citation_author.citation_id 
_citation_author.name 
_citation_author.ordinal 
_citation_author.identifier_ORCID 
primary 'Frederick, C.A.'     1 ? 
primary 'Quigley, G.J.'       2 ? 
primary 'van der Marel, G.A.' 3 ? 
primary 'van Boom, J.H.'      4 ? 
primary 'Wang, A.H.'          5 ? 
primary 'Rich, A.'            6 ? 
# 
loop_
_entity.id 
_entity.type 
_entity.src_method 
_entity.pdbx_description 
_entity.formula_weight 
_entity.pdbx_number_of_molecules 
_entity.pdbx_ec 
_entity.pdbx_mutation 
_entity.pdbx_fragment 
_entity.details 
1 polymer syn 
;DNA (5'-D(*CP*GP*CP*GP*AP*(6MA)P*TP*TP*CP*GP*CP*G)-3')
;
3677.418 2  ? ? ? ? 
2 water   nat water                                                    18.015   87 ? ? ? ? 
# 
_entity_poly.entity_id                      1 
_entity_poly.type                           polydeoxyribonucleotide 
_entity_poly.nstd_linkage                   no 
_entity_poly.nstd_monomer                   yes 
_entity_poly.pdbx_seq_one_letter_code       '(DC)(DG)(DC)(DG)(DA)(6MA)(DT)(DT)(DC)(DG)(DC)(DG)' 
_entity_poly.pdbx_seq_one_letter_code_can   CGCGAATTCGCG 
_entity_poly.pdbx_strand_id                 A,B 
_entity_poly.pdbx_target_identifier         ? 
# 
_pdbx_entity_nonpoly.entity_id   2 
_pdbx_entity_nonpoly.name        water 
_pdbx_entity_nonpoly.comp_id     HOH 
# 
loop_
_entity_poly_seq.entity_id 
_entity_poly_seq.num 
_entity_poly_seq.mon_id 
_entity_poly_seq.hetero 
1 1  DC  n 
1 2  DG  n 
1 3  DC  n 
1 4  DG  n 
1 5  DA  n 
1 6  6MA n 
1 7  DT  n 
1 8  DT  n 
1 9  DC  n 
1 10 DG  n 
1 11 DC  n 
1 12 DG  n 
# 
loop_
_chem_comp.id 
_chem_comp.type 
_chem_comp.mon_nstd_flag 
_chem_comp.name 
_chem_comp.pdbx_synonyms 
_chem_comp.formula 
_chem_comp.formula_weight 
6MA 'DNA linking' n "N6-METHYL-DEOXY-ADENOSINE-5'-MONOPHOSPHATE" ? 'C11 H16 N5 O6 P' 345.248 
DA  'DNA linking' y "2'-DEOXYADENOSINE-5'-MONOPHOSPHATE"         ? 'C10 H14 N5 O6 P' 331.222 
DC  'DNA linking' y "2'-DEOXYCYTIDINE-5'-MONOPHOSPHATE"          ? 'C9 H14 N3 O7 P'  307.197 
DG  'DNA linking' y "2'-DEOXYGUANOSINE-5'-MONOPHOSPHATE"         ? 'C10 H14 N5 O7 P' 347.221 
DT  'DNA linking' y "THYMIDINE-5'-MONOPHOSPHATE"                 ? 'C10 H15 N2 O8 P' 322.208 
HOH non-polymer   . WATER                                        ? 'H2 O'            18.015  
# 
loop_
_pdbx_poly_seq_scheme.asym_id 
_pdbx_poly_seq_scheme.entity_id 
_pdbx_poly_seq_scheme.seq_id 
_pdbx_poly_seq_scheme.mon_id 
_pdbx_poly_seq_scheme.ndb_seq_num 
_pdbx_poly_seq_scheme.pdb_seq_num 
_pdbx_poly_seq_scheme.auth_seq_num 
_pdbx_poly_seq_scheme.pdb_mon_id 
_pdbx_poly_seq_scheme.auth_mon_id 
_pdbx_poly_seq_scheme.pdb_strand_id 
_pdbx_poly_seq_scheme.pdb_ins_code 
_pdbx_poly_seq_scheme.hetero 
A 1 1  DC  1  1  1  DC  C  A . n 
A 1 2  DG  2  2  2  DG  G  A . n 
A 1 3  DC  3  3  3  DC  C  A . n 
A 1 4  DG  4  4  4  DG  G  A . n 
A 1 5  DA  5  5  5  DA  A  A . n 
A 1 6  6MA 6  6  6  6MA +A A . n 
A 1 7  DT  7  7  7  DT  T  A . n 
A 1 8  DT  8  8  8  DT  T  A . n 
A 1 9  DC  9  9  9  DC  C  A . n 
A 1 10 DG  10 10 10 DG  G  A . n 
A 1 11 DC  11 11 11 DC  C  A . n 
A 1 12 DG  12 12 12 DG  G  A . n 
B 1 1  DC  1  13 13 DC  C  B . n 
B 1 2  DG  2  14 14 DG  G  B . n 
B 1 3  DC  3  15 15 DC  C  B . n 
B 1 4  DG  4  16 16 DG  G  B . n 
B 1 5  DA  5  17 17 DA  A  B . n 
B 1 6  6MA 6  18 18 6MA +A B . n 
B 1 7  DT  7  19 19 DT  T  B . n 
B 1 8  DT  8  20 20 DT  T  B . n 
B 1 9  DC  9  21 21 DC  C  B . n 
B 1 10 DG  10 22 22 DG  G  B . n 
B 1 11 DC  11 23 23 DC  C  B . n 
B 1 12 DG  12 24 24 DG  G  B . n 
# 
loop_
_pdbx_nonpoly_scheme.asym_id 
_pdbx_nonpoly_scheme.entity_id 
_pdbx_nonpoly_scheme.mon_id 
_pdbx_nonpoly_scheme.ndb_seq_num 
_pdbx_nonpoly_scheme.pdb_seq_num 
_pdbx_nonpoly_scheme.auth_seq_num 
_pdbx_nonpoly_scheme.pdb_mon_id 
_pdbx_nonpoly_scheme.auth_mon_id 
_pdbx_nonpoly_scheme.pdb_strand_id 
_pdbx_nonpoly_scheme.pdb_ins_code 
C 2 HOH 1  25  25  HOH HOH A . 
C 2 HOH 2  27  27  HOH HOH A . 
C 2 HOH 3  28  28  HOH HOH A . 
C 2 HOH 4  31  31  HOH HOH A . 
C 2 HOH 5  38  38  HOH HOH A . 
C 2 HOH 6  40  40  HOH HOH A . 
C 2 HOH 7  42  42  HOH HOH A . 
C 2 HOH 8  46  46  HOH HOH A . 
C 2 HOH 9  48  48  HOH HOH A . 
C 2 HOH 10 49  49  HOH HOH A . 
C 2 HOH 11 53  53  HOH HOH A . 
C 2 HOH 12 55  55  HOH HOH A . 
C 2 HOH 13 56  56  HOH HOH A . 
C 2 HOH 14 57  57  HOH HOH A . 
C 2 HOH 15 58  58  HOH HOH A . 
C 2 HOH 16 59  59  HOH HOH A . 
C 2 HOH 17 62  62  HOH HOH A . 
C 2 HOH 18 64  64  HOH HOH A . 
C 2 HOH 19 65  65  HOH HOH A . 
C 2 HOH 20 66  66  HOH HOH A . 
C 2 HOH 21 72  72  HOH HOH A . 
C 2 HOH 22 76  76  HOH HOH A . 
C 2 HOH 23 80  80  HOH HOH A . 
C 2 HOH 24 84  84  HOH HOH A . 
C 2 HOH 25 88  88  HOH HOH A . 
C 2 HOH 26 90  90  HOH HOH A . 
C 2 HOH 27 93  93  HOH HOH A . 
C 2 HOH 28 94  94  HOH HOH A . 
C 2 HOH 29 95  95  HOH HOH A . 
C 2 HOH 30 96  96  HOH HOH A . 
C 2 HOH 31 99  99  HOH HOH A . 
C 2 HOH 32 103 103 HOH HOH A . 
C 2 HOH 33 104 104 HOH HOH A . 
C 2 HOH 34 106 106 HOH HOH A . 
C 2 HOH 35 108 108 HOH HOH A . 
C 2 HOH 36 110 110 HOH HOH A . 
C 2 HOH 37 111 111 HOH HOH A . 
D 2 HOH 1  26  26  HOH HOH B . 
D 2 HOH 2  29  29  HOH HOH B . 
D 2 HOH 3  30  30  HOH HOH B . 
D 2 HOH 4  32  32  HOH HOH B . 
D 2 HOH 5  33  33  HOH HOH B . 
D 2 HOH 6  34  34  HOH HOH B . 
D 2 HOH 7  35  35  HOH HOH B . 
D 2 HOH 8  36  36  HOH HOH B . 
D 2 HOH 9  37  37  HOH HOH B . 
D 2 HOH 10 39  39  HOH HOH B . 
D 2 HOH 11 41  41  HOH HOH B . 
D 2 HOH 12 43  43  HOH HOH B . 
D 2 HOH 13 44  44  HOH HOH B . 
D 2 HOH 14 45  45  HOH HOH B . 
D 2 HOH 15 47  47  HOH HOH B . 
D 2 HOH 16 50  50  HOH HOH B . 
D 2 HOH 17 51  51  HOH HOH B . 
D 2 HOH 18 52  52  HOH HOH B . 
D 2 HOH 19 54  54  HOH HOH B . 
D 2 HOH 20 60  60  HOH HOH B . 
D 2 HOH 21 61  61  HOH HOH B . 
D 2 HOH 22 63  63  HOH HOH B . 
D 2 HOH 23 67  67  HOH HOH B . 
D 2 HOH 24 68  68  HOH HOH B . 
D 2 HOH 25 69  69  HOH HOH B . 
D 2 HOH 26 70  70  HOH HOH B . 
D 2 HOH 27 71  71  HOH HOH B . 
D 2 HOH 28 73  73  HOH HOH B . 
D 2 HOH 29 74  74  HOH HOH B . 
D 2 HOH 30 75  75  HOH HOH B . 
D 2 HOH 31 77  77  HOH HOH B . 
D 2 HOH 32 78  78  HOH HOH B . 
D 2 HOH 33 79  79  HOH HOH B . 
D 2 HOH 34 81  81  HOH HOH B . 
D 2 HOH 35 82  82  HOH HOH B . 
D 2 HOH 36 83  83  HOH HOH B . 
D 2 HOH 37 85  85  HOH HOH B . 
D 2 HOH 38 86  86  HOH HOH B . 
D 2 HOH 39 87  87  HOH HOH B . 
D 2 HOH 40 89  89  HOH HOH B . 
D 2 HOH 41 91  91  HOH HOH B . 
D 2 HOH 42 92  92  HOH HOH B . 
D 2 HOH 43 97  97  HOH HOH B . 
D 2 HOH 44 98  98  HOH HOH B . 
D 2 HOH 45 100 100 HOH HOH B . 
D 2 HOH 46 101 101 HOH HOH B . 
D 2 HOH 47 102 102 HOH HOH B . 
D 2 HOH 48 105 105 HOH HOH B . 
D 2 HOH 49 107 107 HOH HOH B . 
D 2 HOH 50 109 109 HOH HOH B . 
# 
_software.name             NUCLSQ 
_software.classification   refinement 
_software.version          . 
_software.citation_id      ? 
_software.pdbx_ordinal     1 
# 
_cell.entry_id           4DNB 
_cell.length_a           25.620 
_cell.length_b           40.390 
_cell.length_c           67.320 
_cell.angle_alpha        90.00 
_cell.angle_beta         90.00 
_cell.angle_gamma        90.00 
_cell.Z_PDB              8 
_cell.pdbx_unique_axis   ? 
# 
_symmetry.entry_id                         4DNB 
_symmetry.space_group_name_H-M             'P 21 21 21' 
_symmetry.pdbx_full_space_group_name_H-M   ? 
_symmetry.cell_setting                     ? 
_symmetry.Int_Tables_number                19 
# 
_exptl.entry_id          4DNB 
_exptl.method            'X-RAY DIFFRACTION' 
_exptl.crystals_number   ? 
# 
_exptl_crystal.id                    1 
_exptl_crystal.density_meas          ? 
_exptl_crystal.density_Matthews      2.37 
_exptl_crystal.density_percent_sol   48.06 
_exptl_crystal.description           ? 
# 
_exptl_crystal_grow.crystal_id      1 
_exptl_crystal_grow.method          'VAPOR DIFFUSION' 
_exptl_crystal_grow.temp            ? 
_exptl_crystal_grow.temp_details    ? 
_exptl_crystal_grow.pH              ? 
_exptl_crystal_grow.pdbx_details    'VAPOR DIFFUSION' 
_exptl_crystal_grow.pdbx_pH_range   ? 
# 
loop_
_exptl_crystal_grow_comp.crystal_id 
_exptl_crystal_grow_comp.id 
_exptl_crystal_grow_comp.sol_id 
_exptl_crystal_grow_comp.name 
_exptl_crystal_grow_comp.volume 
_exptl_crystal_grow_comp.conc 
_exptl_crystal_grow_comp.details 
1 1 1 WATER           ? ? ? 
1 2 1 MPD             ? ? ? 
1 3 1 MGCL2           ? ? ? 
1 4 1 'NA CACODYLATE' ? ? ? 
1 5 1 SPERMINE        ? ? ? 
1 6 2 WATER           ? ? ? 
1 7 2 MPD             ? ? ? 
# 
_diffrn.id                     1 
_diffrn.ambient_temp           288.00 
_diffrn.ambient_temp_details   ? 
_diffrn.crystal_id             1 
# 
_diffrn_detector.diffrn_id              1 
_diffrn_detector.detector               DIFFRACTOMETER 
_diffrn_detector.type                   NICOLET 
_diffrn_detector.pdbx_collection_date   ? 
_diffrn_detector.details                ? 
# 
_diffrn_radiation.diffrn_id                        1 
_diffrn_radiation.wavelength_id                    1 
_diffrn_radiation.pdbx_monochromatic_or_laue_m_l   ? 
_diffrn_radiation.monochromator                    ? 
_diffrn_radiation.pdbx_diffrn_protocol             ? 
_diffrn_radiation.pdbx_scattering_type             x-ray 
# 
_diffrn_radiation_wavelength.id           1 
_diffrn_radiation_wavelength.wavelength   . 
_diffrn_radiation_wavelength.wt           1.0 
# 
_diffrn_source.diffrn_id                   1 
_diffrn_source.source                      ? 
_diffrn_source.type                        ? 
_diffrn_source.pdbx_synchrotron_site       ? 
_diffrn_source.pdbx_synchrotron_beamline   ? 
_diffrn_source.pdbx_wavelength             ? 
_diffrn_source.pdbx_wavelength_list        ? 
# 
_reflns.entry_id                     4DNB 
_reflns.observed_criterion_sigma_I   ? 
_reflns.observed_criterion_sigma_F   2.000 
_reflns.d_resolution_low             ? 
_reflns.d_resolution_high            2.000 
_reflns.number_obs                   2379 
_reflns.number_all                   ? 
_reflns.percent_possible_obs         ? 
_reflns.pdbx_Rmerge_I_obs            ? 
_reflns.pdbx_Rsym_value              ? 
_reflns.pdbx_netI_over_sigmaI        ? 
_reflns.B_iso_Wilson_estimate        ? 
_reflns.pdbx_redundancy              ? 
_reflns.pdbx_diffrn_id               1 
_reflns.pdbx_ordinal                 1 
# 
_refine.entry_id                                 4DNB 
_refine.ls_number_reflns_obs                     2379 
_refine.ls_number_reflns_all                     ? 
_refine.pdbx_ls_sigma_I                          ? 
_refine.pdbx_ls_sigma_F                          2.000 
_refine.pdbx_data_cutoff_high_absF               ? 
_refine.pdbx_data_cutoff_low_absF                ? 
_refine.pdbx_data_cutoff_high_rms_absF           ? 
_refine.ls_d_res_low                             ? 
_refine.ls_d_res_high                            2.000 
_refine.ls_percent_reflns_obs                    ? 
_refine.ls_R_factor_obs                          0.169 
_refine.ls_R_factor_all                          ? 
_refine.ls_R_factor_R_work                       ? 
_refine.ls_R_factor_R_free                       ? 
_refine.ls_R_factor_R_free_error                 ? 
_refine.ls_R_factor_R_free_error_details         ? 
_refine.ls_percent_reflns_R_free                 ? 
_refine.ls_number_reflns_R_free                  ? 
_refine.ls_number_parameters                     ? 
_refine.ls_number_restraints                     ? 
_refine.occupancy_min                            ? 
_refine.occupancy_max                            ? 
_refine.B_iso_mean                               ? 
_refine.aniso_B[1][1]                            ? 
_refine.aniso_B[2][2]                            ? 
_refine.aniso_B[3][3]                            ? 
_refine.aniso_B[1][2]                            ? 
_refine.aniso_B[1][3]                            ? 
_refine.aniso_B[2][3]                            ? 
_refine.solvent_model_details                    ? 
_refine.solvent_model_param_ksol                 ? 
_refine.solvent_model_param_bsol                 ? 
_refine.pdbx_ls_cross_valid_method               ? 
_refine.details                                  ? 
_refine.pdbx_starting_model                      ? 
_refine.pdbx_method_to_determine_struct          ? 
_refine.pdbx_isotropic_thermal_model             ? 
_refine.pdbx_stereochemistry_target_values       ? 
_refine.pdbx_stereochem_target_val_spec_case     ? 
_refine.pdbx_R_Free_selection_details            ? 
_refine.pdbx_overall_ESU_R                       ? 
_refine.pdbx_overall_ESU_R_Free                  ? 
_refine.overall_SU_ML                            ? 
_refine.overall_SU_B                             ? 
_refine.pdbx_refine_id                           'X-RAY DIFFRACTION' 
_refine.pdbx_diffrn_id                           1 
_refine.pdbx_TLS_residual_ADP_flag               ? 
_refine.correlation_coeff_Fo_to_Fc               ? 
_refine.correlation_coeff_Fo_to_Fc_free          ? 
_refine.pdbx_solvent_vdw_probe_radii             ? 
_refine.pdbx_solvent_ion_probe_radii             ? 
_refine.pdbx_solvent_shrinkage_radii             ? 
_refine.pdbx_overall_phase_error                 ? 
_refine.overall_SU_R_Cruickshank_DPI             ? 
_refine.pdbx_overall_SU_R_free_Cruickshank_DPI   ? 
_refine.pdbx_overall_SU_R_Blow_DPI               ? 
_refine.pdbx_overall_SU_R_free_Blow_DPI          ? 
# 
_refine_hist.pdbx_refine_id                   'X-RAY DIFFRACTION' 
_refine_hist.cycle_id                         LAST 
_refine_hist.pdbx_number_atoms_protein        0 
_refine_hist.pdbx_number_atoms_nucleic_acid   486 
_refine_hist.pdbx_number_atoms_ligand         2 
_refine_hist.number_atoms_solvent             87 
_refine_hist.number_atoms_total               575 
_refine_hist.d_res_high                       2.000 
_refine_hist.d_res_low                        . 
# 
_struct.entry_id                  4DNB 
_struct.title                     
;METHYLATION OF THE ECORI RECOGNITION SITE DOES NOT ALTER DNA CONFORMATION. THE CRYSTAL STRUCTURE OF D(CGCGAM6ATTCGCG) AT 2.0 ANGSTROMS RESOLUTION
;
_struct.pdbx_model_details        ? 
_struct.pdbx_CASP_flag            ? 
_struct.pdbx_model_type_details   ? 
# 
_struct_keywords.entry_id        4DNB 
_struct_keywords.pdbx_keywords   DNA 
_struct_keywords.text            'B-DNA, DOUBLE HELIX, MODIFIED, DNA' 
# 
loop_
_struct_asym.id 
_struct_asym.pdbx_blank_PDB_chainid_flag 
_struct_asym.pdbx_modified 
_struct_asym.entity_id 
_struct_asym.details 
A N N 1 ? 
B N N 1 ? 
C N N 2 ? 
D N N 2 ? 
# 
_struct_ref.id                         1 
_struct_ref.entity_id                  1 
_struct_ref.db_name                    PDB 
_struct_ref.db_code                    4DNB 
_struct_ref.pdbx_db_accession          4DNB 
_struct_ref.pdbx_db_isoform            ? 
_struct_ref.pdbx_seq_one_letter_code   ? 
_struct_ref.pdbx_align_begin           ? 
# 
loop_
_struct_ref_seq.align_id 
_struct_ref_seq.ref_id 
_struct_ref_seq.pdbx_PDB_id_code 
_struct_ref_seq.pdbx_strand_id 
_struct_ref_seq.seq_align_beg 
_struct_ref_seq.pdbx_seq_align_beg_ins_code 
_struct_ref_seq.seq_align_end 
_struct_ref_seq.pdbx_seq_align_end_ins_code 
_struct_ref_seq.pdbx_db_accession 
_struct_ref_seq.db_align_beg 
_struct_ref_seq.pdbx_db_align_beg_ins_code 
_struct_ref_seq.db_align_end 
_struct_ref_seq.pdbx_db_align_end_ins_code 
_struct_ref_seq.pdbx_auth_seq_align_beg 
_struct_ref_seq.pdbx_auth_seq_align_end 
1 1 4DNB A 1 ? 12 ? 4DNB 1  ? 12 ? 1  12 
2 1 4DNB B 1 ? 12 ? 4DNB 13 ? 24 ? 13 24 
# 
_pdbx_struct_assembly.id                   1 
_pdbx_struct_assembly.details              author_defined_assembly 
_pdbx_struct_assembly.method_details       ? 
_pdbx_struct_assembly.oligomeric_details   dimeric 
_pdbx_struct_assembly.oligomeric_count     2 
# 
_pdbx_struct_assembly_gen.assembly_id       1 
_pdbx_struct_assembly_gen.oper_expression   1 
_pdbx_struct_assembly_gen.asym_id_list      A,B,C,D 
# 
_pdbx_struct_oper_list.id                   1 
_pdbx_struct_oper_list.type                 'identity operation' 
_pdbx_struct_oper_list.name                 1_555 
_pdbx_struct_oper_list.symmetry_operation   x,y,z 
_pdbx_struct_oper_list.matrix[1][1]         1.0000000000 
_pdbx_struct_oper_list.matrix[1][2]         0.0000000000 
_pdbx_struct_oper_list.matrix[1][3]         0.0000000000 
_pdbx_struct_oper_list.vector[1]            0.0000000000 
_pdbx_struct_oper_list.matrix[2][1]         0.0000000000 
_pdbx_struct_oper_list.matrix[2][2]         1.0000000000 
_pdbx_struct_oper_list.matrix[2][3]         0.0000000000 
_pdbx_struct_oper_list.vector[2]            0.0000000000 
_pdbx_struct_oper_list.matrix[3][1]         0.0000000000 
_pdbx_struct_oper_list.matrix[3][2]         0.0000000000 
_pdbx_struct_oper_list.matrix[3][3]         1.0000000000 
_pdbx_struct_oper_list.vector[3]            0.0000000000 
# 
_struct_biol.id   1 
# 
loop_
_struct_conn.id 
_struct_conn.conn_type_id 
_struct_conn.pdbx_leaving_atom_flag 
_struct_conn.pdbx_PDB_id 
_struct_conn.ptnr1_label_asym_id 
_struct_conn.ptnr1_label_comp_id 
_struct_conn.ptnr1_label_seq_id 
_struct_conn.ptnr1_label_atom_id 
_struct_conn.pdbx_ptnr1_label_alt_id 
_struct_conn.pdbx_ptnr1_PDB_ins_code 
_struct_conn.pdbx_ptnr1_standard_comp_id 
_struct_conn.ptnr1_symmetry 
_struct_conn.ptnr2_label_asym_id 
_struct_conn.ptnr2_label_comp_id 
_struct_conn.ptnr2_label_seq_id 
_struct_conn.ptnr2_label_atom_id 
_struct_conn.pdbx_ptnr2_label_alt_id 
_struct_conn.pdbx_ptnr2_PDB_ins_code 
_struct_conn.ptnr1_auth_asym_id 
_struct_conn.ptnr1_auth_comp_id 
_struct_conn.ptnr1_auth_seq_id 
_struct_conn.ptnr2_auth_asym_id 
_struct_conn.ptnr2_auth_comp_id 
_struct_conn.ptnr2_auth_seq_id 
_struct_conn.ptnr2_symmetry 
_struct_conn.pdbx_ptnr3_label_atom_id 
_struct_conn.pdbx_ptnr3_label_seq_id 
_struct_conn.pdbx_ptnr3_label_comp_id 
_struct_conn.pdbx_ptnr3_label_asym_id 
_struct_conn.pdbx_ptnr3_label_alt_id 
_struct_conn.pdbx_ptnr3_PDB_ins_code 
_struct_conn.details 
_struct_conn.pdbx_dist_value 
_struct_conn.pdbx_value_order 
_struct_conn.pdbx_role 
covale1  covale both ? A DA  5  "O3'" ? ? ? 1_555 A 6MA 6  P  ? ? A DA  5  A 6MA 6  1_555 ? ? ? ? ? ? ?            1.620 ? ? 
covale2  covale both ? A 6MA 6  "O3'" ? ? ? 1_555 A DT  7  P  ? ? A 6MA 6  A DT  7  1_555 ? ? ? ? ? ? ?            1.558 ? ? 
covale3  covale both ? B DA  5  "O3'" ? ? ? 1_555 B 6MA 6  P  ? ? B DA  17 B 6MA 18 1_555 ? ? ? ? ? ? ?            1.570 ? ? 
covale4  covale both ? B 6MA 6  "O3'" ? ? ? 1_555 B DT  7  P  ? ? B 6MA 18 B DT  19 1_555 ? ? ? ? ? ? ?            1.562 ? ? 
hydrog1  hydrog ?    ? A DC  1  N3    ? ? ? 1_555 B DG  12 N1 ? ? A DC  1  B DG  24 1_555 ? ? ? ? ? ? WATSON-CRICK ?     ? ? 
hydrog2  hydrog ?    ? A DC  1  N4    ? ? ? 1_555 B DG  12 O6 ? ? A DC  1  B DG  24 1_555 ? ? ? ? ? ? WATSON-CRICK ?     ? ? 
hydrog3  hydrog ?    ? A DC  1  O2    ? ? ? 1_555 B DG  12 N2 ? ? A DC  1  B DG  24 1_555 ? ? ? ? ? ? WATSON-CRICK ?     ? ? 
hydrog4  hydrog ?    ? A DG  2  N1    ? ? ? 1_555 B DC  11 N3 ? ? A DG  2  B DC  23 1_555 ? ? ? ? ? ? WATSON-CRICK ?     ? ? 
hydrog5  hydrog ?    ? A DG  2  N2    ? ? ? 1_555 B DC  11 O2 ? ? A DG  2  B DC  23 1_555 ? ? ? ? ? ? WATSON-CRICK ?     ? ? 
hydrog6  hydrog ?    ? A DG  2  O6    ? ? ? 1_555 B DC  11 N4 ? ? A DG  2  B DC  23 1_555 ? ? ? ? ? ? WATSON-CRICK ?     ? ? 
hydrog7  hydrog ?    ? A DC  3  N3    ? ? ? 1_555 B DG  10 N1 ? ? A DC  3  B DG  22 1_555 ? ? ? ? ? ? WATSON-CRICK ?     ? ? 
hydrog8  hydrog ?    ? A DC  3  N4    ? ? ? 1_555 B DG  10 O6 ? ? A DC  3  B DG  22 1_555 ? ? ? ? ? ? WATSON-CRICK ?     ? ? 
hydrog9  hydrog ?    ? A DC  3  O2    ? ? ? 1_555 B DG  10 N2 ? ? A DC  3  B DG  22 1_555 ? ? ? ? ? ? WATSON-CRICK ?     ? ? 
hydrog10 hydrog ?    ? A DG  4  N1    ? ? ? 1_555 B DC  9  N3 ? ? A DG  4  B DC  21 1_555 ? ? ? ? ? ? WATSON-CRICK ?     ? ? 
hydrog11 hydrog ?    ? A DG  4  N2    ? ? ? 1_555 B DC  9  O2 ? ? A DG  4  B DC  21 1_555 ? ? ? ? ? ? WATSON-CRICK ?     ? ? 
hydrog12 hydrog ?    ? A DG  4  O6    ? ? ? 1_555 B DC  9  N4 ? ? A DG  4  B DC  21 1_555 ? ? ? ? ? ? WATSON-CRICK ?     ? ? 
hydrog13 hydrog ?    ? A DA  5  N1    ? ? ? 1_555 B DT  8  N3 ? ? A DA  5  B DT  20 1_555 ? ? ? ? ? ? WATSON-CRICK ?     ? ? 
hydrog14 hydrog ?    ? A DA  5  N6    ? ? ? 1_555 B DT  8  O4 ? ? A DA  5  B DT  20 1_555 ? ? ? ? ? ? WATSON-CRICK ?     ? ? 
hydrog15 hydrog ?    ? A 6MA 6  N1    ? ? ? 1_555 B DT  7  N3 ? ? A 6MA 6  B DT  19 1_555 ? ? ? ? ? ? WATSON-CRICK ?     ? ? 
hydrog16 hydrog ?    ? A 6MA 6  N6    ? ? ? 1_555 B DT  7  O4 ? ? A 6MA 6  B DT  19 1_555 ? ? ? ? ? ? WATSON-CRICK ?     ? ? 
hydrog17 hydrog ?    ? A DT  7  N3    ? ? ? 1_555 B 6MA 6  N1 ? ? A DT  7  B 6MA 18 1_555 ? ? ? ? ? ? WATSON-CRICK ?     ? ? 
hydrog18 hydrog ?    ? A DT  7  O4    ? ? ? 1_555 B 6MA 6  N6 ? ? A DT  7  B 6MA 18 1_555 ? ? ? ? ? ? WATSON-CRICK ?     ? ? 
hydrog19 hydrog ?    ? A DT  8  N3    ? ? ? 1_555 B DA  5  N1 ? ? A DT  8  B DA  17 1_555 ? ? ? ? ? ? WATSON-CRICK ?     ? ? 
hydrog20 hydrog ?    ? A DT  8  O4    ? ? ? 1_555 B DA  5  N6 ? ? A DT  8  B DA  17 1_555 ? ? ? ? ? ? WATSON-CRICK ?     ? ? 
hydrog21 hydrog ?    ? A DC  9  N3    ? ? ? 1_555 B DG  4  N1 ? ? A DC  9  B DG  16 1_555 ? ? ? ? ? ? WATSON-CRICK ?     ? ? 
hydrog22 hydrog ?    ? A DC  9  N4    ? ? ? 1_555 B DG  4  O6 ? ? A DC  9  B DG  16 1_555 ? ? ? ? ? ? WATSON-CRICK ?     ? ? 
hydrog23 hydrog ?    ? A DC  9  O2    ? ? ? 1_555 B DG  4  N2 ? ? A DC  9  B DG  16 1_555 ? ? ? ? ? ? WATSON-CRICK ?     ? ? 
hydrog24 hydrog ?    ? A DG  10 N1    ? ? ? 1_555 B DC  3  N3 ? ? A DG  10 B DC  15 1_555 ? ? ? ? ? ? WATSON-CRICK ?     ? ? 
hydrog25 hydrog ?    ? A DG  10 N2    ? ? ? 1_555 B DC  3  O2 ? ? A DG  10 B DC  15 1_555 ? ? ? ? ? ? WATSON-CRICK ?     ? ? 
hydrog26 hydrog ?    ? A DG  10 O6    ? ? ? 1_555 B DC  3  N4 ? ? A DG  10 B DC  15 1_555 ? ? ? ? ? ? WATSON-CRICK ?     ? ? 
hydrog27 hydrog ?    ? A DC  11 N3    ? ? ? 1_555 B DG  2  N1 ? ? A DC  11 B DG  14 1_555 ? ? ? ? ? ? WATSON-CRICK ?     ? ? 
hydrog28 hydrog ?    ? A DC  11 N4    ? ? ? 1_555 B DG  2  O6 ? ? A DC  11 B DG  14 1_555 ? ? ? ? ? ? WATSON-CRICK ?     ? ? 
hydrog29 hydrog ?    ? A DC  11 O2    ? ? ? 1_555 B DG  2  N2 ? ? A DC  11 B DG  14 1_555 ? ? ? ? ? ? WATSON-CRICK ?     ? ? 
hydrog30 hydrog ?    ? A DG  12 N1    ? ? ? 1_555 B DC  1  N3 ? ? A DG  12 B DC  13 1_555 ? ? ? ? ? ? WATSON-CRICK ?     ? ? 
hydrog31 hydrog ?    ? A DG  12 N2    ? ? ? 1_555 B DC  1  O2 ? ? A DG  12 B DC  13 1_555 ? ? ? ? ? ? WATSON-CRICK ?     ? ? 
hydrog32 hydrog ?    ? A DG  12 O6    ? ? ? 1_555 B DC  1  N4 ? ? A DG  12 B DC  13 1_555 ? ? ? ? ? ? WATSON-CRICK ?     ? ? 
# 
loop_
_struct_conn_type.id 
_struct_conn_type.criteria 
_struct_conn_type.reference 
covale ? ? 
hydrog ? ? 
# 
_pdbx_validate_symm_contact.id                1 
_pdbx_validate_symm_contact.PDB_model_num     1 
_pdbx_validate_symm_contact.auth_atom_id_1    "O3'" 
_pdbx_validate_symm_contact.auth_asym_id_1    A 
_pdbx_validate_symm_contact.auth_comp_id_1    DG 
_pdbx_validate_symm_contact.auth_seq_id_1     12 
_pdbx_validate_symm_contact.PDB_ins_code_1    ? 
_pdbx_validate_symm_contact.label_alt_id_1    ? 
_pdbx_validate_symm_contact.site_symmetry_1   1_555 
_pdbx_validate_symm_contact.auth_atom_id_2    N2 
_pdbx_validate_symm_contact.auth_asym_id_2    B 
_pdbx_validate_symm_contact.auth_comp_id_2    DG 
_pdbx_validate_symm_contact.auth_seq_id_2     22 
_pdbx_validate_symm_contact.PDB_ins_code_2    ? 
_pdbx_validate_symm_contact.label_alt_id_2    ? 
_pdbx_validate_symm_contact.site_symmetry_2   2_664 
_pdbx_validate_symm_contact.dist              2.07 
# 
loop_
_pdbx_validate_rmsd_bond.id 
_pdbx_validate_rmsd_bond.PDB_model_num 
_pdbx_validate_rmsd_bond.auth_atom_id_1 
_pdbx_validate_rmsd_bond.auth_asym_id_1 
_pdbx_validate_rmsd_bond.auth_comp_id_1 
_pdbx_validate_rmsd_bond.auth_seq_id_1 
_pdbx_validate_rmsd_bond.PDB_ins_code_1 
_pdbx_validate_rmsd_bond.label_alt_id_1 
_pdbx_validate_rmsd_bond.auth_atom_id_2 
_pdbx_validate_rmsd_bond.auth_asym_id_2 
_pdbx_validate_rmsd_bond.auth_comp_id_2 
_pdbx_validate_rmsd_bond.auth_seq_id_2 
_pdbx_validate_rmsd_bond.PDB_ins_code_2 
_pdbx_validate_rmsd_bond.label_alt_id_2 
_pdbx_validate_rmsd_bond.bond_value 
_pdbx_validate_rmsd_bond.bond_target_value 
_pdbx_validate_rmsd_bond.bond_deviation 
_pdbx_validate_rmsd_bond.bond_standard_deviation 
_pdbx_validate_rmsd_bond.linker_flag 
1  1 "O4'" A DC 1  ? ? "C4'" A DC 1  ? ? 1.512 1.449 0.063  0.009 N 
2  1 N3    A DC 1  ? ? C4    A DC 1  ? ? 1.395 1.335 0.060  0.007 N 
3  1 "C4'" A DG 2  ? ? "C3'" A DG 2  ? ? 1.617 1.529 0.088  0.010 N 
4  1 "O3'" A DG 2  ? ? "C3'" A DG 2  ? ? 1.337 1.419 -0.082 0.006 N 
5  1 C6    A DG 2  ? ? N1    A DG 2  ? ? 1.344 1.391 -0.047 0.007 N 
6  1 C5    A DG 2  ? ? N7    A DG 2  ? ? 1.348 1.388 -0.040 0.006 N 
7  1 N7    A DG 2  ? ? C8    A DG 2  ? ? 1.354 1.305 0.049  0.006 N 
8  1 C8    A DG 2  ? ? N9    A DG 2  ? ? 1.319 1.374 -0.055 0.007 N 
9  1 C2    A DG 2  ? ? N2    A DG 2  ? ? 1.250 1.341 -0.091 0.010 N 
10 1 "C2'" A DC 3  ? ? "C1'" A DC 3  ? ? 1.455 1.518 -0.063 0.010 N 
11 1 "O4'" A DC 3  ? ? "C1'" A DC 3  ? ? 1.495 1.420 0.075  0.011 N 
12 1 "O3'" A DC 3  ? ? "C3'" A DC 3  ? ? 1.333 1.419 -0.086 0.006 N 
13 1 N3    A DC 3  ? ? C4    A DC 3  ? ? 1.385 1.335 0.050  0.007 N 
14 1 C4    A DG 4  ? ? C5    A DG 4  ? ? 1.336 1.379 -0.043 0.007 N 
15 1 C6    A DG 4  ? ? N1    A DG 4  ? ? 1.331 1.391 -0.060 0.007 N 
16 1 C8    A DG 4  ? ? N9    A DG 4  ? ? 1.311 1.374 -0.063 0.007 N 
17 1 C2    A DG 4  ? ? N2    A DG 4  ? ? 1.236 1.341 -0.105 0.010 N 
18 1 "C1'" A DA 5  ? ? N9    A DA 5  ? ? 1.376 1.468 -0.092 0.014 N 
19 1 C5    A DA 5  ? ? N7    A DA 5  ? ? 1.350 1.388 -0.038 0.006 N 
20 1 "O3'" A DT 7  ? ? "C3'" A DT 7  ? ? 1.331 1.419 -0.088 0.006 N 
21 1 "C4'" A DT 8  ? ? "C3'" A DT 8  ? ? 1.609 1.529 0.080  0.010 N 
22 1 "C3'" A DT 8  ? ? "C2'" A DT 8  ? ? 1.462 1.516 -0.054 0.008 N 
23 1 "O3'" A DT 8  ? ? "C3'" A DT 8  ? ? 1.320 1.419 -0.099 0.006 N 
24 1 C4    A DT 8  ? ? C5    A DT 8  ? ? 1.384 1.445 -0.061 0.009 N 
25 1 "C4'" A DG 10 ? ? "C3'" A DG 10 ? ? 1.591 1.529 0.062  0.010 N 
26 1 "C1'" A DG 10 ? ? N9    A DG 10 ? ? 1.379 1.468 -0.089 0.014 N 
27 1 N1    A DG 10 ? ? C2    A DG 10 ? ? 1.315 1.373 -0.058 0.008 N 
28 1 C6    A DG 10 ? ? N1    A DG 10 ? ? 1.317 1.391 -0.074 0.007 N 
29 1 C8    A DG 10 ? ? N9    A DG 10 ? ? 1.321 1.374 -0.053 0.007 N 
30 1 C2    A DG 10 ? ? N2    A DG 10 ? ? 1.251 1.341 -0.090 0.010 N 
31 1 "C5'" A DC 11 ? ? "C4'" A DC 11 ? ? 1.560 1.512 0.048  0.007 N 
32 1 "C2'" A DC 11 ? ? "C1'" A DC 11 ? ? 1.449 1.518 -0.069 0.010 N 
33 1 "O4'" A DC 11 ? ? "C1'" A DC 11 ? ? 1.511 1.420 0.091  0.011 N 
34 1 "C2'" A DG 12 ? ? "C1'" A DG 12 ? ? 1.587 1.519 0.068  0.010 N 
35 1 C6    A DG 12 ? ? N1    A DG 12 ? ? 1.327 1.391 -0.064 0.007 N 
36 1 C5    A DG 12 ? ? N7    A DG 12 ? ? 1.319 1.388 -0.069 0.006 N 
37 1 C8    A DG 12 ? ? N9    A DG 12 ? ? 1.313 1.374 -0.061 0.007 N 
38 1 C2    A DG 12 ? ? N2    A DG 12 ? ? 1.240 1.341 -0.101 0.010 N 
39 1 "C2'" B DC 13 ? ? "C1'" B DC 13 ? ? 1.620 1.519 0.101  0.010 N 
40 1 N1    B DC 13 ? ? C2    B DC 13 ? ? 1.336 1.397 -0.061 0.010 N 
41 1 N3    B DC 13 ? ? C4    B DC 13 ? ? 1.384 1.335 0.049  0.007 N 
42 1 "O4'" B DG 14 ? ? "C1'" B DG 14 ? ? 1.594 1.420 0.174  0.011 N 
43 1 C6    B DG 14 ? ? N1    B DG 14 ? ? 1.317 1.391 -0.074 0.007 N 
44 1 C2    B DG 14 ? ? N2    B DG 14 ? ? 1.228 1.341 -0.113 0.010 N 
45 1 "O4'" B DC 15 ? ? "C1'" B DC 15 ? ? 1.500 1.420 0.080  0.011 N 
46 1 C4    B DC 15 ? ? C5    B DC 15 ? ? 1.366 1.425 -0.059 0.008 N 
47 1 "C2'" B DG 16 ? ? "C1'" B DG 16 ? ? 1.648 1.519 0.129  0.010 N 
48 1 "O3'" B DG 16 ? ? "C3'" B DG 16 ? ? 1.344 1.419 -0.075 0.006 N 
49 1 C5    B DG 16 ? ? N7    B DG 16 ? ? 1.328 1.388 -0.060 0.006 N 
50 1 C8    B DG 16 ? ? N9    B DG 16 ? ? 1.324 1.374 -0.050 0.007 N 
51 1 C2    B DG 16 ? ? N2    B DG 16 ? ? 1.203 1.341 -0.138 0.010 N 
52 1 "O3'" B DA 17 ? ? "C3'" B DA 17 ? ? 1.371 1.419 -0.048 0.006 N 
53 1 C4    B DA 17 ? ? C5    B DA 17 ? ? 1.339 1.383 -0.044 0.007 N 
54 1 C5    B DA 17 ? ? N7    B DA 17 ? ? 1.331 1.388 -0.057 0.006 N 
55 1 P     B DT 19 ? ? "O5'" B DT 19 ? ? 1.666 1.593 0.073  0.010 N 
56 1 C4    B DT 19 ? ? O4    B DT 19 ? ? 1.282 1.228 0.054  0.009 N 
57 1 C4    B DT 20 ? ? C5    B DT 20 ? ? 1.390 1.445 -0.055 0.009 N 
58 1 C4    B DT 20 ? ? O4    B DT 20 ? ? 1.282 1.228 0.054  0.009 N 
59 1 P     B DC 21 ? ? "O5'" B DC 21 ? ? 1.658 1.593 0.065  0.010 N 
60 1 "C2'" B DC 21 ? ? "C1'" B DC 21 ? ? 1.605 1.519 0.086  0.010 N 
61 1 N3    B DC 21 ? ? C4    B DC 21 ? ? 1.384 1.335 0.049  0.007 N 
62 1 "C1'" B DG 22 ? ? N9    B DG 22 ? ? 1.376 1.468 -0.092 0.014 N 
63 1 C6    B DG 22 ? ? N1    B DG 22 ? ? 1.321 1.391 -0.070 0.007 N 
64 1 C2    B DG 22 ? ? N2    B DG 22 ? ? 1.233 1.341 -0.108 0.010 N 
65 1 N3    B DC 23 ? ? C4    B DC 23 ? ? 1.392 1.335 0.057  0.007 N 
66 1 "C3'" B DG 24 ? ? "C2'" B DG 24 ? ? 1.456 1.516 -0.060 0.008 N 
67 1 C6    B DG 24 ? ? N1    B DG 24 ? ? 1.338 1.391 -0.053 0.007 N 
68 1 C2    B DG 24 ? ? N2    B DG 24 ? ? 1.240 1.341 -0.101 0.010 N 
# 
loop_
_pdbx_validate_rmsd_angle.id 
_pdbx_validate_rmsd_angle.PDB_model_num 
_pdbx_validate_rmsd_angle.auth_atom_id_1 
_pdbx_validate_rmsd_angle.auth_asym_id_1 
_pdbx_validate_rmsd_angle.auth_comp_id_1 
_pdbx_validate_rmsd_angle.auth_seq_id_1 
_pdbx_validate_rmsd_angle.PDB_ins_code_1 
_pdbx_validate_rmsd_angle.label_alt_id_1 
_pdbx_validate_rmsd_angle.auth_atom_id_2 
_pdbx_validate_rmsd_angle.auth_asym_id_2 
_pdbx_validate_rmsd_angle.auth_comp_id_2 
_pdbx_validate_rmsd_angle.auth_seq_id_2 
_pdbx_validate_rmsd_angle.PDB_ins_code_2 
_pdbx_validate_rmsd_angle.label_alt_id_2 
_pdbx_validate_rmsd_angle.auth_atom_id_3 
_pdbx_validate_rmsd_angle.auth_asym_id_3 
_pdbx_validate_rmsd_angle.auth_comp_id_3 
_pdbx_validate_rmsd_angle.auth_seq_id_3 
_pdbx_validate_rmsd_angle.PDB_ins_code_3 
_pdbx_validate_rmsd_angle.label_alt_id_3 
_pdbx_validate_rmsd_angle.angle_value 
_pdbx_validate_rmsd_angle.angle_target_value 
_pdbx_validate_rmsd_angle.angle_deviation 
_pdbx_validate_rmsd_angle.angle_standard_deviation 
_pdbx_validate_rmsd_angle.linker_flag 
1   1 "O5'" A DC 1  ? ? "C5'" A DC 1  ? ? "C4'" A DC  1  ? ? 104.40 109.40 -5.00  0.80 N 
2   1 "C3'" A DC 1  ? ? "C2'" A DC 1  ? ? "C1'" A DC  1  ? ? 97.10  102.40 -5.30  0.80 N 
3   1 "O4'" A DC 1  ? ? "C1'" A DC 1  ? ? "C2'" A DC  1  ? ? 100.75 105.90 -5.15  0.80 N 
4   1 "O4'" A DC 1  ? ? "C1'" A DC 1  ? ? N1    A DC  1  ? ? 112.66 108.30 4.36   0.30 N 
5   1 C6    A DC 1  ? ? N1    A DC 1  ? ? C2    A DC  1  ? ? 117.24 120.30 -3.06  0.40 N 
6   1 C2    A DC 1  ? ? N3    A DC 1  ? ? C4    A DC  1  ? ? 123.96 119.90 4.06   0.50 N 
7   1 N3    A DC 1  ? ? C4    A DC 1  ? ? C5    A DC  1  ? ? 117.89 121.90 -4.01  0.40 N 
8   1 C5    A DC 1  ? ? C6    A DC 1  ? ? N1    A DC  1  ? ? 126.64 121.00 5.64   0.50 N 
9   1 N1    A DC 1  ? ? C2    A DC 1  ? ? O2    A DC  1  ? ? 124.08 118.90 5.18   0.60 N 
10  1 C5    A DC 1  ? ? C4    A DC 1  ? ? N4    A DC  1  ? ? 124.45 120.20 4.25   0.70 N 
11  1 "O5'" A DG 2  ? ? P     A DG 2  ? ? OP1   A DG  2  ? ? 95.26  105.70 -10.44 0.90 N 
12  1 "O5'" A DG 2  ? ? P     A DG 2  ? ? OP2   A DG  2  ? ? 119.58 110.70 8.88   1.20 N 
13  1 "O4'" A DG 2  ? ? "C4'" A DG 2  ? ? "C3'" A DG  2  ? ? 99.91  104.50 -4.59  0.40 N 
14  1 "C4'" A DG 2  ? ? "C3'" A DG 2  ? ? "C2'" A DG  2  ? ? 95.22  102.20 -6.98  0.70 N 
15  1 "O4'" A DG 2  ? ? "C1'" A DG 2  ? ? N9    A DG  2  ? ? 117.65 108.30 9.35   0.30 N 
16  1 C6    A DG 2  ? ? N1    A DG 2  ? ? C2    A DG  2  ? ? 117.74 125.10 -7.36  0.60 N 
17  1 N1    A DG 2  ? ? C2    A DG 2  ? ? N3    A DG  2  ? ? 129.95 123.90 6.05   0.60 N 
18  1 C2    A DG 2  ? ? N3    A DG 2  ? ? C4    A DG  2  ? ? 108.58 111.90 -3.32  0.50 N 
19  1 C5    A DG 2  ? ? C6    A DG 2  ? ? N1    A DG  2  ? ? 117.64 111.50 6.14   0.50 N 
20  1 N1    A DG 2  ? ? C2    A DG 2  ? ? N2    A DG  2  ? ? 122.64 116.20 6.44   0.90 N 
21  1 N3    A DG 2  ? ? C2    A DG 2  ? ? N2    A DG  2  ? ? 107.30 119.90 -12.60 0.70 N 
22  1 C5    A DG 2  ? ? C6    A DG 2  ? ? O6    A DG  2  ? ? 124.02 128.60 -4.58  0.60 N 
23  1 "C3'" A DG 2  ? ? "O3'" A DG 2  ? ? P     A DC  3  ? ? 130.71 119.70 11.01  1.20 Y 
24  1 "O4'" A DC 3  ? ? "C4'" A DC 3  ? ? "C3'" A DC  3  ? ? 99.71  104.50 -4.79  0.40 N 
25  1 "O4'" A DC 3  ? ? "C1'" A DC 3  ? ? N1    A DC  3  ? ? 102.40 108.00 -5.60  0.70 N 
26  1 C2    A DC 3  ? ? N3    A DC 3  ? ? C4    A DC  3  ? ? 123.58 119.90 3.68   0.50 N 
27  1 N3    A DC 3  ? ? C4    A DC 3  ? ? C5    A DC  3  ? ? 116.74 121.90 -5.16  0.40 N 
28  1 N1    A DC 3  ? ? C2    A DC 3  ? ? O2    A DC  3  ? ? 125.06 118.90 6.16   0.60 N 
29  1 "O5'" A DG 4  ? ? P     A DG 4  ? ? OP1   A DG  4  ? ? 94.40  105.70 -11.30 0.90 N 
30  1 "O5'" A DG 4  ? ? P     A DG 4  ? ? OP2   A DG  4  ? ? 119.51 110.70 8.81   1.20 N 
31  1 "O4'" A DG 4  ? ? "C1'" A DG 4  ? ? N9    A DG  4  ? ? 110.66 108.30 2.36   0.30 N 
32  1 C6    A DG 4  ? ? N1    A DG 4  ? ? C2    A DG  4  ? ? 118.30 125.10 -6.80  0.60 N 
33  1 N1    A DG 4  ? ? C2    A DG 4  ? ? N3    A DG  4  ? ? 128.18 123.90 4.28   0.60 N 
34  1 C5    A DG 4  ? ? C6    A DG 4  ? ? N1    A DG  4  ? ? 118.78 111.50 7.28   0.50 N 
35  1 N1    A DG 4  ? ? C2    A DG 4  ? ? N2    A DG  4  ? ? 121.83 116.20 5.63   0.90 N 
36  1 N3    A DG 4  ? ? C2    A DG 4  ? ? N2    A DG  4  ? ? 109.99 119.90 -9.91  0.70 N 
37  1 C5    A DG 4  ? ? C6    A DG 4  ? ? O6    A DG  4  ? ? 123.69 128.60 -4.91  0.60 N 
38  1 "O3'" A DG 4  ? ? P     A DA 5  ? ? "O5'" A DA  5  ? ? 119.84 104.00 15.84  1.90 Y 
39  1 "O5'" A DA 5  ? ? P     A DA 5  ? ? OP1   A DA  5  ? ? 98.65  105.70 -7.05  0.90 N 
40  1 "O4'" A DA 5  ? ? "C1'" A DA 5  ? ? "C2'" A DA  5  ? ? 100.68 105.90 -5.22  0.80 N 
41  1 "O4'" A DA 5  ? ? "C1'" A DA 5  ? ? N9    A DA  5  ? ? 101.55 108.00 -6.45  0.70 N 
42  1 "O5'" A DT 7  ? ? P     A DT 7  ? ? OP1   A DT  7  ? ? 94.86  105.70 -10.84 0.90 N 
43  1 N1    A DT 7  ? ? "C1'" A DT 7  ? ? "C2'" A DT  7  ? ? 123.30 114.30 9.00   1.40 N 
44  1 "O4'" A DT 7  ? ? "C1'" A DT 7  ? ? N1    A DT  7  ? ? 103.23 108.00 -4.77  0.70 N 
45  1 N3    A DT 7  ? ? C2    A DT 7  ? ? O2    A DT  7  ? ? 118.09 122.30 -4.21  0.60 N 
46  1 "C3'" A DT 7  ? ? "O3'" A DT 7  ? ? P     A DT  8  ? ? 136.67 119.70 16.97  1.20 Y 
47  1 "O5'" A DT 8  ? ? P     A DT 8  ? ? OP1   A DT  8  ? ? 92.51  105.70 -13.19 0.90 N 
48  1 P     A DT 8  ? ? "O5'" A DT 8  ? ? "C5'" A DT  8  ? ? 107.87 120.90 -13.03 1.60 N 
49  1 "C5'" A DT 8  ? ? "C4'" A DT 8  ? ? "O4'" A DT  8  ? ? 117.52 109.80 7.72   1.10 N 
50  1 "O4'" A DT 8  ? ? "C1'" A DT 8  ? ? N1    A DT  8  ? ? 110.51 108.30 2.21   0.30 N 
51  1 N3    A DT 8  ? ? C2    A DT 8  ? ? O2    A DT  8  ? ? 114.57 122.30 -7.73  0.60 N 
52  1 N3    A DT 8  ? ? C4    A DT 8  ? ? O4    A DT  8  ? ? 114.05 119.90 -5.85  0.60 N 
53  1 C5    A DT 8  ? ? C4    A DT 8  ? ? O4    A DT  8  ? ? 129.83 124.90 4.93   0.70 N 
54  1 C6    A DT 8  ? ? C5    A DT 8  ? ? C7    A DT  8  ? ? 118.75 122.90 -4.15  0.60 N 
55  1 "C3'" A DT 8  ? ? "O3'" A DT 8  ? ? P     A DC  9  ? ? 137.32 119.70 17.62  1.20 Y 
56  1 "O3'" A DT 8  ? ? P     A DC 9  ? ? "O5'" A DC  9  ? ? 117.49 104.00 13.49  1.90 Y 
57  1 "O5'" A DC 9  ? ? P     A DC 9  ? ? OP1   A DC  9  ? ? 93.70  105.70 -12.00 0.90 N 
58  1 "O5'" A DC 9  ? ? P     A DC 9  ? ? OP2   A DC  9  ? ? 120.51 110.70 9.81   1.20 N 
59  1 C2    A DC 9  ? ? N3    A DC 9  ? ? C4    A DC  9  ? ? 124.65 119.90 4.75   0.50 N 
60  1 N3    A DC 9  ? ? C4    A DC 9  ? ? C5    A DC  9  ? ? 116.30 121.90 -5.60  0.40 N 
61  1 N1    A DC 9  ? ? C2    A DC 9  ? ? O2    A DC  9  ? ? 123.44 118.90 4.54   0.60 N 
62  1 P     A DG 10 ? ? "O5'" A DG 10 ? ? "C5'" A DG  10 ? ? 106.77 120.90 -14.13 1.60 N 
63  1 "O4'" A DG 10 ? ? "C4'" A DG 10 ? ? "C3'" A DG  10 ? ? 101.12 104.50 -3.38  0.40 N 
64  1 "C3'" A DG 10 ? ? "C2'" A DG 10 ? ? "C1'" A DG  10 ? ? 95.67  102.40 -6.73  0.80 N 
65  1 "O4'" A DG 10 ? ? "C1'" A DG 10 ? ? "C2'" A DG  10 ? ? 110.23 106.80 3.43   0.50 N 
66  1 "O4'" A DG 10 ? ? "C1'" A DG 10 ? ? N9    A DG  10 ? ? 110.89 108.30 2.59   0.30 N 
67  1 C6    A DG 10 ? ? N1    A DG 10 ? ? C2    A DG  10 ? ? 121.09 125.10 -4.01  0.60 N 
68  1 C5    A DG 10 ? ? C6    A DG 10 ? ? N1    A DG  10 ? ? 117.80 111.50 6.30   0.50 N 
69  1 N1    A DG 10 ? ? C2    A DG 10 ? ? N2    A DG  10 ? ? 128.03 116.20 11.83  0.90 N 
70  1 N3    A DG 10 ? ? C2    A DG 10 ? ? N2    A DG  10 ? ? 104.67 119.90 -15.23 0.70 N 
71  1 C5    A DG 10 ? ? C6    A DG 10 ? ? O6    A DG  10 ? ? 119.15 128.60 -9.45  0.60 N 
72  1 "O3'" A DG 10 ? ? P     A DC 11 ? ? OP1   A DC  11 ? ? 123.08 110.50 12.58  1.10 Y 
73  1 OP1   A DC 11 ? ? P     A DC 11 ? ? OP2   A DC  11 ? ? 108.09 119.60 -11.51 1.50 N 
74  1 "O5'" A DC 11 ? ? P     A DC 11 ? ? OP1   A DC  11 ? ? 91.88  105.70 -13.82 0.90 N 
75  1 "O5'" A DC 11 ? ? P     A DC 11 ? ? OP2   A DC  11 ? ? 121.67 110.70 10.97  1.20 N 
76  1 P     A DC 11 ? ? "O5'" A DC 11 ? ? "C5'" A DC  11 ? ? 108.36 120.90 -12.54 1.60 N 
77  1 N1    A DC 11 ? ? "C1'" A DC 11 ? ? "C2'" A DC  11 ? ? 125.98 114.30 11.68  1.40 N 
78  1 "O4'" A DC 11 ? ? "C1'" A DC 11 ? ? N1    A DC  11 ? ? 96.40  108.00 -11.60 0.70 N 
79  1 C2    A DC 11 ? ? N3    A DC 11 ? ? C4    A DC  11 ? ? 125.22 119.90 5.32   0.50 N 
80  1 N3    A DC 11 ? ? C4    A DC 11 ? ? C5    A DC  11 ? ? 117.26 121.90 -4.64  0.40 N 
81  1 N1    A DC 11 ? ? C2    A DC 11 ? ? O2    A DC  11 ? ? 123.48 118.90 4.58   0.60 N 
82  1 "O3'" A DC 11 ? ? P     A DG 12 ? ? "O5'" A DG  12 ? ? 122.02 104.00 18.02  1.90 Y 
83  1 "O5'" A DG 12 ? ? P     A DG 12 ? ? OP1   A DG  12 ? ? 98.64  105.70 -7.06  0.90 N 
84  1 "O4'" A DG 12 ? ? "C4'" A DG 12 ? ? "C3'" A DG  12 ? ? 101.69 104.50 -2.81  0.40 N 
85  1 "C5'" A DG 12 ? ? "C4'" A DG 12 ? ? "C3'" A DG  12 ? ? 124.25 115.70 8.55   1.20 N 
86  1 "C3'" A DG 12 ? ? "C2'" A DG 12 ? ? "C1'" A DG  12 ? ? 95.12  102.40 -7.28  0.80 N 
87  1 C6    A DG 12 ? ? N1    A DG 12 ? ? C2    A DG  12 ? ? 118.40 125.10 -6.70  0.60 N 
88  1 N1    A DG 12 ? ? C2    A DG 12 ? ? N3    A DG  12 ? ? 130.00 123.90 6.10   0.60 N 
89  1 C5    A DG 12 ? ? C6    A DG 12 ? ? N1    A DG  12 ? ? 118.11 111.50 6.61   0.50 N 
90  1 N3    A DG 12 ? ? C2    A DG 12 ? ? N2    A DG  12 ? ? 110.42 119.90 -9.48  0.70 N 
91  1 C5    A DG 12 ? ? C6    A DG 12 ? ? O6    A DG  12 ? ? 122.97 128.60 -5.63  0.60 N 
92  1 "C3'" B DC 13 ? ? "C2'" B DC 13 ? ? "C1'" B DC  13 ? ? 95.16  102.40 -7.24  0.80 N 
93  1 "O4'" B DC 13 ? ? "C1'" B DC 13 ? ? "C2'" B DC  13 ? ? 96.27  105.90 -9.63  0.80 N 
94  1 C2    B DC 13 ? ? N3    B DC 13 ? ? C4    B DC  13 ? ? 124.28 119.90 4.38   0.50 N 
95  1 N3    B DC 13 ? ? C4    B DC 13 ? ? C5    B DC  13 ? ? 117.75 121.90 -4.15  0.40 N 
96  1 N1    B DC 13 ? ? C2    B DC 13 ? ? O2    B DC  13 ? ? 124.38 118.90 5.48   0.60 N 
97  1 "C3'" B DC 13 ? ? "O3'" B DC 13 ? ? P     B DG  14 ? ? 110.43 119.70 -9.27  1.20 Y 
98  1 "O5'" B DG 14 ? ? "C5'" B DG 14 ? ? "C4'" B DG  14 ? ? 103.65 109.40 -5.75  0.80 N 
99  1 P     B DG 14 ? ? "O5'" B DG 14 ? ? "C5'" B DG  14 ? ? 109.89 120.90 -11.01 1.60 N 
100 1 "O4'" B DG 14 ? ? "C4'" B DG 14 ? ? "C3'" B DG  14 ? ? 101.12 104.50 -3.38  0.40 N 
101 1 "C1'" B DG 14 ? ? "O4'" B DG 14 ? ? "C4'" B DG  14 ? ? 99.99  110.10 -10.11 1.00 N 
102 1 "O4'" B DG 14 ? ? "C1'" B DG 14 ? ? "C2'" B DG  14 ? ? 100.98 105.90 -4.92  0.80 N 
103 1 "O4'" B DG 14 ? ? "C1'" B DG 14 ? ? N9    B DG  14 ? ? 99.57  108.00 -8.43  0.70 N 
104 1 C6    B DG 14 ? ? N1    B DG 14 ? ? C2    B DG  14 ? ? 120.64 125.10 -4.46  0.60 N 
105 1 N1    B DG 14 ? ? C2    B DG 14 ? ? N3    B DG  14 ? ? 128.60 123.90 4.70   0.60 N 
106 1 C5    B DG 14 ? ? C6    B DG 14 ? ? N1    B DG  14 ? ? 116.70 111.50 5.20   0.50 N 
107 1 N1    B DG 14 ? ? C2    B DG 14 ? ? N2    B DG  14 ? ? 125.44 116.20 9.24   0.90 N 
108 1 N3    B DG 14 ? ? C2    B DG 14 ? ? N2    B DG  14 ? ? 105.96 119.90 -13.94 0.70 N 
109 1 C5    B DG 14 ? ? C6    B DG 14 ? ? O6    B DG  14 ? ? 122.34 128.60 -6.26  0.60 N 
110 1 OP1   B DC 15 ? ? P     B DC 15 ? ? OP2   B DC  15 ? ? 135.08 119.60 15.48  1.50 N 
111 1 "O4'" B DC 15 ? ? "C4'" B DC 15 ? ? "C3'" B DC  15 ? ? 100.58 104.50 -3.92  0.40 N 
112 1 "C5'" B DC 15 ? ? "C4'" B DC 15 ? ? "C3'" B DC  15 ? ? 123.11 115.70 7.41   1.20 N 
113 1 N1    B DC 15 ? ? "C1'" B DC 15 ? ? "C2'" B DC  15 ? ? 122.83 114.30 8.53   1.40 N 
114 1 "O4'" B DC 15 ? ? "C1'" B DC 15 ? ? N1    B DC  15 ? ? 101.82 108.00 -6.18  0.70 N 
115 1 C2    B DC 15 ? ? N3    B DC 15 ? ? C4    B DC  15 ? ? 125.87 119.90 5.97   0.50 N 
116 1 N3    B DC 15 ? ? C4    B DC 15 ? ? C5    B DC  15 ? ? 116.70 121.90 -5.20  0.40 N 
117 1 C5    B DC 15 ? ? C6    B DC 15 ? ? N1    B DC  15 ? ? 124.13 121.00 3.13   0.50 N 
118 1 N1    B DC 15 ? ? C2    B DC 15 ? ? O2    B DC  15 ? ? 130.06 118.90 11.16  0.60 N 
119 1 N3    B DC 15 ? ? C2    B DC 15 ? ? O2    B DC  15 ? ? 114.19 121.90 -7.71  0.70 N 
120 1 N3    B DC 15 ? ? C4    B DC 15 ? ? N4    B DC  15 ? ? 112.27 118.00 -5.73  0.70 N 
121 1 C5    B DC 15 ? ? C4    B DC 15 ? ? N4    B DC  15 ? ? 130.90 120.20 10.70  0.70 N 
122 1 "O5'" B DG 16 ? ? "C5'" B DG 16 ? ? "C4'" B DG  16 ? ? 101.93 109.40 -7.47  0.80 N 
123 1 "O4'" B DG 16 ? ? "C1'" B DG 16 ? ? "C2'" B DG  16 ? ? 100.91 105.90 -4.99  0.80 N 
124 1 "O4'" B DG 16 ? ? "C1'" B DG 16 ? ? N9    B DG  16 ? ? 118.11 108.30 9.81   0.30 N 
125 1 C6    B DG 16 ? ? N1    B DG 16 ? ? C2    B DG  16 ? ? 117.66 125.10 -7.44  0.60 N 
126 1 N1    B DG 16 ? ? C2    B DG 16 ? ? N3    B DG  16 ? ? 131.73 123.90 7.83   0.60 N 
127 1 C2    B DG 16 ? ? N3    B DG 16 ? ? C4    B DG  16 ? ? 107.46 111.90 -4.44  0.50 N 
128 1 C5    B DG 16 ? ? C6    B DG 16 ? ? N1    B DG  16 ? ? 116.94 111.50 5.44   0.50 N 
129 1 N3    B DG 16 ? ? C2    B DG 16 ? ? N2    B DG  16 ? ? 108.70 119.90 -11.20 0.70 N 
130 1 "C3'" B DG 16 ? ? "O3'" B DG 16 ? ? P     B DA  17 ? ? 130.01 119.70 10.31  1.20 Y 
131 1 "O5'" B DA 17 ? ? P     B DA 17 ? ? OP1   B DA  17 ? ? 99.41  105.70 -6.29  0.90 N 
132 1 "O5'" B DA 17 ? ? "C5'" B DA 17 ? ? "C4'" B DA  17 ? ? 103.57 109.40 -5.83  0.80 N 
133 1 P     B DA 17 ? ? "O5'" B DA 17 ? ? "C5'" B DA  17 ? ? 107.04 120.90 -13.86 1.60 N 
134 1 N7    B DA 17 ? ? C8    B DA 17 ? ? N9    B DA  17 ? ? 110.36 113.80 -3.44  0.50 N 
135 1 "C3'" B DA 17 ? ? "O3'" B DA 17 ? ? P     B 6MA 18 ? ? 127.54 119.70 7.84   1.20 Y 
136 1 OP1   B DT 19 ? ? P     B DT 19 ? ? OP2   B DT  19 ? ? 130.08 119.60 10.48  1.50 N 
137 1 "O5'" B DT 19 ? ? "C5'" B DT 19 ? ? "C4'" B DT  19 ? ? 101.74 109.40 -7.66  0.80 N 
138 1 P     B DT 19 ? ? "O5'" B DT 19 ? ? "C5'" B DT  19 ? ? 103.74 120.90 -17.16 1.60 N 
139 1 N1    B DT 19 ? ? "C1'" B DT 19 ? ? "C2'" B DT  19 ? ? 123.79 114.30 9.49   1.40 N 
140 1 "O4'" B DT 19 ? ? "C1'" B DT 19 ? ? N1    B DT  19 ? ? 100.53 108.00 -7.47  0.70 N 
141 1 C2    B DT 19 ? ? N3    B DT 19 ? ? C4    B DT  19 ? ? 123.41 127.20 -3.79  0.60 N 
142 1 C4    B DT 19 ? ? C5    B DT 19 ? ? C7    B DT  19 ? ? 123.63 119.00 4.63   0.60 N 
143 1 C6    B DT 19 ? ? C5    B DT 19 ? ? C7    B DT  19 ? ? 118.65 122.90 -4.25  0.60 N 
144 1 "O5'" B DT 20 ? ? P     B DT 20 ? ? OP2   B DT  20 ? ? 119.54 110.70 8.84   1.20 N 
145 1 "O5'" B DT 20 ? ? "C5'" B DT 20 ? ? "C4'" B DT  20 ? ? 99.67  109.40 -9.73  0.80 N 
146 1 P     B DT 20 ? ? "O5'" B DT 20 ? ? "C5'" B DT  20 ? ? 102.64 120.90 -18.26 1.60 N 
147 1 "C1'" B DT 20 ? ? "O4'" B DT 20 ? ? "C4'" B DT  20 ? ? 103.61 110.10 -6.49  1.00 N 
148 1 "O4'" B DT 20 ? ? "C1'" B DT 20 ? ? N1    B DT  20 ? ? 102.81 108.00 -5.19  0.70 N 
149 1 "O5'" B DC 21 ? ? P     B DC 21 ? ? OP1   B DC  21 ? ? 99.26  105.70 -6.44  0.90 N 
150 1 "O4'" B DC 21 ? ? "C4'" B DC 21 ? ? "C3'" B DC  21 ? ? 102.00 104.50 -2.50  0.40 N 
151 1 "O4'" B DC 21 ? ? "C1'" B DC 21 ? ? N1    B DC  21 ? ? 115.81 108.30 7.51   0.30 N 
152 1 N3    B DC 21 ? ? C4    B DC 21 ? ? C5    B DC  21 ? ? 117.83 121.90 -4.07  0.40 N 
153 1 C5    B DC 21 ? ? C6    B DC 21 ? ? N1    B DC  21 ? ? 125.77 121.00 4.77   0.50 N 
154 1 N1    B DC 21 ? ? C2    B DC 21 ? ? O2    B DC  21 ? ? 127.38 118.90 8.48   0.60 N 
155 1 N3    B DC 21 ? ? C2    B DC 21 ? ? O2    B DC  21 ? ? 115.02 121.90 -6.88  0.70 N 
156 1 C5    B DC 21 ? ? C4    B DC 21 ? ? N4    B DC  21 ? ? 125.06 120.20 4.86   0.70 N 
157 1 "O5'" B DG 22 ? ? P     B DG 22 ? ? OP1   B DG  22 ? ? 97.66  105.70 -8.04  0.90 N 
158 1 "O5'" B DG 22 ? ? P     B DG 22 ? ? OP2   B DG  22 ? ? 122.55 110.70 11.85  1.20 N 
159 1 P     B DG 22 ? ? "O5'" B DG 22 ? ? "C5'" B DG  22 ? ? 106.38 120.90 -14.52 1.60 N 
160 1 "O4'" B DG 22 ? ? "C4'" B DG 22 ? ? "C3'" B DG  22 ? ? 99.92  104.50 -4.58  0.40 N 
161 1 "C5'" B DG 22 ? ? "C4'" B DG 22 ? ? "O4'" B DG  22 ? ? 120.35 109.80 10.55  1.10 N 
162 1 "C3'" B DG 22 ? ? "C2'" B DG 22 ? ? "C1'" B DG  22 ? ? 94.44  102.40 -7.96  0.80 N 
163 1 "O4'" B DG 22 ? ? "C1'" B DG 22 ? ? N9    B DG  22 ? ? 102.90 108.00 -5.10  0.70 N 
164 1 C6    B DG 22 ? ? N1    B DG 22 ? ? C2    B DG  22 ? ? 119.06 125.10 -6.04  0.60 N 
165 1 N1    B DG 22 ? ? C2    B DG 22 ? ? N3    B DG  22 ? ? 129.93 123.90 6.03   0.60 N 
166 1 C2    B DG 22 ? ? N3    B DG 22 ? ? C4    B DG  22 ? ? 108.12 111.90 -3.78  0.50 N 
167 1 C5    B DG 22 ? ? C6    B DG 22 ? ? N1    B DG  22 ? ? 117.94 111.50 6.44   0.50 N 
168 1 N3    B DG 22 ? ? C2    B DG 22 ? ? N2    B DG  22 ? ? 109.16 119.90 -10.74 0.70 N 
169 1 C5    B DG 22 ? ? C6    B DG 22 ? ? O6    B DG  22 ? ? 120.66 128.60 -7.94  0.60 N 
170 1 "C3'" B DG 22 ? ? "O3'" B DG 22 ? ? P     B DC  23 ? ? 110.78 119.70 -8.92  1.20 Y 
171 1 "O3'" B DG 22 ? ? P     B DC 23 ? ? OP1   B DC  23 ? ? 91.71  105.20 -13.49 2.20 Y 
172 1 P     B DC 23 ? ? "O5'" B DC 23 ? ? "C5'" B DC  23 ? ? 104.55 120.90 -16.35 1.60 N 
173 1 "O4'" B DC 23 ? ? "C1'" B DC 23 ? ? N1    B DC  23 ? ? 116.65 108.30 8.35   0.30 N 
174 1 C2    B DC 23 ? ? N3    B DC 23 ? ? C4    B DC  23 ? ? 124.03 119.90 4.13   0.50 N 
175 1 N3    B DC 23 ? ? C4    B DC 23 ? ? C5    B DC  23 ? ? 116.96 121.90 -4.94  0.40 N 
176 1 C5    B DC 23 ? ? C6    B DC 23 ? ? N1    B DC  23 ? ? 126.03 121.00 5.03   0.50 N 
177 1 N1    B DC 23 ? ? C2    B DC 23 ? ? O2    B DC  23 ? ? 128.43 118.90 9.53   0.60 N 
178 1 N3    B DC 23 ? ? C2    B DC 23 ? ? O2    B DC  23 ? ? 115.34 121.90 -6.56  0.70 N 
179 1 C5    B DC 23 ? ? C4    B DC 23 ? ? N4    B DC  23 ? ? 127.10 120.20 6.90   0.70 N 
180 1 "O3'" B DC 23 ? ? P     B DG 24 ? ? "O5'" B DG  24 ? ? 122.63 104.00 18.63  1.90 Y 
181 1 OP1   B DG 24 ? ? P     B DG 24 ? ? OP2   B DG  24 ? ? 130.99 119.60 11.39  1.50 N 
182 1 "O5'" B DG 24 ? ? P     B DG 24 ? ? OP1   B DG  24 ? ? 98.21  105.70 -7.49  0.90 N 
183 1 "O5'" B DG 24 ? ? "C5'" B DG 24 ? ? "C4'" B DG  24 ? ? 102.66 109.40 -6.74  0.80 N 
184 1 N9    B DG 24 ? ? "C1'" B DG 24 ? ? "C2'" B DG  24 ? ? 124.38 114.30 10.08  1.40 N 
185 1 C6    B DG 24 ? ? N1    B DG 24 ? ? C2    B DG  24 ? ? 118.28 125.10 -6.82  0.60 N 
186 1 N1    B DG 24 ? ? C2    B DG 24 ? ? N3    B DG  24 ? ? 130.30 123.90 6.40   0.60 N 
187 1 C2    B DG 24 ? ? N3    B DG 24 ? ? C4    B DG  24 ? ? 108.42 111.90 -3.48  0.50 N 
188 1 C5    B DG 24 ? ? C6    B DG 24 ? ? N1    B DG  24 ? ? 117.59 111.50 6.09   0.50 N 
189 1 C4    B DG 24 ? ? C5    B DG 24 ? ? N7    B DG  24 ? ? 113.30 110.80 2.50   0.40 N 
190 1 N3    B DG 24 ? ? C2    B DG 24 ? ? N2    B DG  24 ? ? 111.94 119.90 -7.96  0.70 N 
191 1 C5    B DG 24 ? ? C6    B DG 24 ? ? O6    B DG  24 ? ? 123.70 128.60 -4.90  0.60 N 
# 
loop_
_pdbx_struct_mod_residue.id 
_pdbx_struct_mod_residue.label_asym_id 
_pdbx_struct_mod_residue.label_comp_id 
_pdbx_struct_mod_residue.label_seq_id 
_pdbx_struct_mod_residue.auth_asym_id 
_pdbx_struct_mod_residue.auth_comp_id 
_pdbx_struct_mod_residue.auth_seq_id 
_pdbx_struct_mod_residue.PDB_ins_code 
_pdbx_struct_mod_residue.parent_comp_id 
_pdbx_struct_mod_residue.details 
1 A 6MA 6 A 6MA 6  ? A ? 
2 B 6MA 6 B 6MA 18 ? A ? 
# 
loop_
_refine_B_iso.class 
_refine_B_iso.details 
_refine_B_iso.treatment 
_refine_B_iso.pdbx_refine_id 
'ALL ATOMS'  TR isotropic 'X-RAY DIFFRACTION' 
'ALL WATERS' TR isotropic 'X-RAY DIFFRACTION' 
# 
loop_
_refine_occupancy.class 
_refine_occupancy.treatment 
_refine_occupancy.pdbx_refine_id 
'ALL ATOMS'  fix 'X-RAY DIFFRACTION' 
'ALL WATERS' fix 'X-RAY DIFFRACTION' 
# 
loop_
_chem_comp_atom.comp_id 
_chem_comp_atom.atom_id 
_chem_comp_atom.type_symbol 
_chem_comp_atom.pdbx_aromatic_flag 
_chem_comp_atom.pdbx_stereo_config 
_chem_comp_atom.pdbx_ordinal 
6MA OP3    O N N 1   
6MA P      P N N 2   
6MA OP1    O N N 3   
6MA OP2    O N N 4   
6MA "O5'"  O N N 5   
6MA "C5'"  C N N 6   
6MA "C4'"  C N R 7   
6MA "O4'"  O N N 8   
6MA "C3'"  C N S 9   
6MA "O3'"  O N N 10  
6MA "C2'"  C N N 11  
6MA "C1'"  C N R 12  
6MA N9     N Y N 13  
6MA C8     C Y N 14  
6MA N7     N Y N 15  
6MA C5     C Y N 16  
6MA C6     C Y N 17  
6MA N1     N Y N 18  
6MA C2     C Y N 19  
6MA N3     N Y N 20  
6MA C4     C Y N 21  
6MA N6     N N N 22  
6MA C1     C N N 23  
6MA HOP3   H N N 24  
6MA HOP2   H N N 25  
6MA "H5'"  H N N 26  
6MA "H5''" H N N 27  
6MA "H4'"  H N N 28  
6MA "H3'"  H N N 29  
6MA "HO3'" H N N 30  
6MA "H2'"  H N N 31  
6MA "H2''" H N N 32  
6MA "H1'"  H N N 33  
6MA H8     H N N 34  
6MA H2     H N N 35  
6MA H61    H N N 36  
6MA H11    H N N 37  
6MA H12    H N N 38  
6MA H13    H N N 39  
DA  OP3    O N N 40  
DA  P      P N N 41  
DA  OP1    O N N 42  
DA  OP2    O N N 43  
DA  "O5'"  O N N 44  
DA  "C5'"  C N N 45  
DA  "C4'"  C N R 46  
DA  "O4'"  O N N 47  
DA  "C3'"  C N S 48  
DA  "O3'"  O N N 49  
DA  "C2'"  C N N 50  
DA  "C1'"  C N R 51  
DA  N9     N Y N 52  
DA  C8     C Y N 53  
DA  N7     N Y N 54  
DA  C5     C Y N 55  
DA  C6     C Y N 56  
DA  N6     N N N 57  
DA  N1     N Y N 58  
DA  C2     C Y N 59  
DA  N3     N Y N 60  
DA  C4     C Y N 61  
DA  HOP3   H N N 62  
DA  HOP2   H N N 63  
DA  "H5'"  H N N 64  
DA  "H5''" H N N 65  
DA  "H4'"  H N N 66  
DA  "H3'"  H N N 67  
DA  "HO3'" H N N 68  
DA  "H2'"  H N N 69  
DA  "H2''" H N N 70  
DA  "H1'"  H N N 71  
DA  H8     H N N 72  
DA  H61    H N N 73  
DA  H62    H N N 74  
DA  H2     H N N 75  
DC  OP3    O N N 76  
DC  P      P N N 77  
DC  OP1    O N N 78  
DC  OP2    O N N 79  
DC  "O5'"  O N N 80  
DC  "C5'"  C N N 81  
DC  "C4'"  C N R 82  
DC  "O4'"  O N N 83  
DC  "C3'"  C N S 84  
DC  "O3'"  O N N 85  
DC  "C2'"  C N N 86  
DC  "C1'"  C N R 87  
DC  N1     N N N 88  
DC  C2     C N N 89  
DC  O2     O N N 90  
DC  N3     N N N 91  
DC  C4     C N N 92  
DC  N4     N N N 93  
DC  C5     C N N 94  
DC  C6     C N N 95  
DC  HOP3   H N N 96  
DC  HOP2   H N N 97  
DC  "H5'"  H N N 98  
DC  "H5''" H N N 99  
DC  "H4'"  H N N 100 
DC  "H3'"  H N N 101 
DC  "HO3'" H N N 102 
DC  "H2'"  H N N 103 
DC  "H2''" H N N 104 
DC  "H1'"  H N N 105 
DC  H41    H N N 106 
DC  H42    H N N 107 
DC  H5     H N N 108 
DC  H6     H N N 109 
DG  OP3    O N N 110 
DG  P      P N N 111 
DG  OP1    O N N 112 
DG  OP2    O N N 113 
DG  "O5'"  O N N 114 
DG  "C5'"  C N N 115 
DG  "C4'"  C N R 116 
DG  "O4'"  O N N 117 
DG  "C3'"  C N S 118 
DG  "O3'"  O N N 119 
DG  "C2'"  C N N 120 
DG  "C1'"  C N R 121 
DG  N9     N Y N 122 
DG  C8     C Y N 123 
DG  N7     N Y N 124 
DG  C5     C Y N 125 
DG  C6     C N N 126 
DG  O6     O N N 127 
DG  N1     N N N 128 
DG  C2     C N N 129 
DG  N2     N N N 130 
DG  N3     N N N 131 
DG  C4     C Y N 132 
DG  HOP3   H N N 133 
DG  HOP2   H N N 134 
DG  "H5'"  H N N 135 
DG  "H5''" H N N 136 
DG  "H4'"  H N N 137 
DG  "H3'"  H N N 138 
DG  "HO3'" H N N 139 
DG  "H2'"  H N N 140 
DG  "H2''" H N N 141 
DG  "H1'"  H N N 142 
DG  H8     H N N 143 
DG  H1     H N N 144 
DG  H21    H N N 145 
DG  H22    H N N 146 
DT  OP3    O N N 147 
DT  P      P N N 148 
DT  OP1    O N N 149 
DT  OP2    O N N 150 
DT  "O5'"  O N N 151 
DT  "C5'"  C N N 152 
DT  "C4'"  C N R 153 
DT  "O4'"  O N N 154 
DT  "C3'"  C N S 155 
DT  "O3'"  O N N 156 
DT  "C2'"  C N N 157 
DT  "C1'"  C N R 158 
DT  N1     N N N 159 
DT  C2     C N N 160 
DT  O2     O N N 161 
DT  N3     N N N 162 
DT  C4     C N N 163 
DT  O4     O N N 164 
DT  C5     C N N 165 
DT  C7     C N N 166 
DT  C6     C N N 167 
DT  HOP3   H N N 168 
DT  HOP2   H N N 169 
DT  "H5'"  H N N 170 
DT  "H5''" H N N 171 
DT  "H4'"  H N N 172 
DT  "H3'"  H N N 173 
DT  "HO3'" H N N 174 
DT  "H2'"  H N N 175 
DT  "H2''" H N N 176 
DT  "H1'"  H N N 177 
DT  H3     H N N 178 
DT  H71    H N N 179 
DT  H72    H N N 180 
DT  H73    H N N 181 
DT  H6     H N N 182 
HOH O      O N N 183 
HOH H1     H N N 184 
HOH H2     H N N 185 
# 
loop_
_chem_comp_bond.comp_id 
_chem_comp_bond.atom_id_1 
_chem_comp_bond.atom_id_2 
_chem_comp_bond.value_order 
_chem_comp_bond.pdbx_aromatic_flag 
_chem_comp_bond.pdbx_stereo_config 
_chem_comp_bond.pdbx_ordinal 
6MA OP3   P      sing N N 1   
6MA OP3   HOP3   sing N N 2   
6MA P     OP1    doub N N 3   
6MA P     OP2    sing N N 4   
6MA P     "O5'"  sing N N 5   
6MA OP2   HOP2   sing N N 6   
6MA "O5'" "C5'"  sing N N 7   
6MA "C5'" "C4'"  sing N N 8   
6MA "C5'" "H5'"  sing N N 9   
6MA "C5'" "H5''" sing N N 10  
6MA "C4'" "O4'"  sing N N 11  
6MA "C4'" "C3'"  sing N N 12  
6MA "C4'" "H4'"  sing N N 13  
6MA "O4'" "C1'"  sing N N 14  
6MA "C3'" "O3'"  sing N N 15  
6MA "C3'" "C2'"  sing N N 16  
6MA "C3'" "H3'"  sing N N 17  
6MA "O3'" "HO3'" sing N N 18  
6MA "C2'" "C1'"  sing N N 19  
6MA "C2'" "H2'"  sing N N 20  
6MA "C2'" "H2''" sing N N 21  
6MA "C1'" N9     sing N N 22  
6MA "C1'" "H1'"  sing N N 23  
6MA N9    C8     sing Y N 24  
6MA N9    C4     sing Y N 25  
6MA C8    N7     doub Y N 26  
6MA C8    H8     sing N N 27  
6MA N7    C5     sing Y N 28  
6MA C5    C6     sing Y N 29  
6MA C5    C4     doub Y N 30  
6MA C6    N1     doub Y N 31  
6MA C6    N6     sing N N 32  
6MA N1    C2     sing Y N 33  
6MA C2    N3     doub Y N 34  
6MA C2    H2     sing N N 35  
6MA N3    C4     sing Y N 36  
6MA N6    C1     sing N N 37  
6MA N6    H61    sing N N 38  
6MA C1    H11    sing N N 39  
6MA C1    H12    sing N N 40  
6MA C1    H13    sing N N 41  
DA  OP3   P      sing N N 42  
DA  OP3   HOP3   sing N N 43  
DA  P     OP1    doub N N 44  
DA  P     OP2    sing N N 45  
DA  P     "O5'"  sing N N 46  
DA  OP2   HOP2   sing N N 47  
DA  "O5'" "C5'"  sing N N 48  
DA  "C5'" "C4'"  sing N N 49  
DA  "C5'" "H5'"  sing N N 50  
DA  "C5'" "H5''" sing N N 51  
DA  "C4'" "O4'"  sing N N 52  
DA  "C4'" "C3'"  sing N N 53  
DA  "C4'" "H4'"  sing N N 54  
DA  "O4'" "C1'"  sing N N 55  
DA  "C3'" "O3'"  sing N N 56  
DA  "C3'" "C2'"  sing N N 57  
DA  "C3'" "H3'"  sing N N 58  
DA  "O3'" "HO3'" sing N N 59  
DA  "C2'" "C1'"  sing N N 60  
DA  "C2'" "H2'"  sing N N 61  
DA  "C2'" "H2''" sing N N 62  
DA  "C1'" N9     sing N N 63  
DA  "C1'" "H1'"  sing N N 64  
DA  N9    C8     sing Y N 65  
DA  N9    C4     sing Y N 66  
DA  C8    N7     doub Y N 67  
DA  C8    H8     sing N N 68  
DA  N7    C5     sing Y N 69  
DA  C5    C6     sing Y N 70  
DA  C5    C4     doub Y N 71  
DA  C6    N6     sing N N 72  
DA  C6    N1     doub Y N 73  
DA  N6    H61    sing N N 74  
DA  N6    H62    sing N N 75  
DA  N1    C2     sing Y N 76  
DA  C2    N3     doub Y N 77  
DA  C2    H2     sing N N 78  
DA  N3    C4     sing Y N 79  
DC  OP3   P      sing N N 80  
DC  OP3   HOP3   sing N N 81  
DC  P     OP1    doub N N 82  
DC  P     OP2    sing N N 83  
DC  P     "O5'"  sing N N 84  
DC  OP2   HOP2   sing N N 85  
DC  "O5'" "C5'"  sing N N 86  
DC  "C5'" "C4'"  sing N N 87  
DC  "C5'" "H5'"  sing N N 88  
DC  "C5'" "H5''" sing N N 89  
DC  "C4'" "O4'"  sing N N 90  
DC  "C4'" "C3'"  sing N N 91  
DC  "C4'" "H4'"  sing N N 92  
DC  "O4'" "C1'"  sing N N 93  
DC  "C3'" "O3'"  sing N N 94  
DC  "C3'" "C2'"  sing N N 95  
DC  "C3'" "H3'"  sing N N 96  
DC  "O3'" "HO3'" sing N N 97  
DC  "C2'" "C1'"  sing N N 98  
DC  "C2'" "H2'"  sing N N 99  
DC  "C2'" "H2''" sing N N 100 
DC  "C1'" N1     sing N N 101 
DC  "C1'" "H1'"  sing N N 102 
DC  N1    C2     sing N N 103 
DC  N1    C6     sing N N 104 
DC  C2    O2     doub N N 105 
DC  C2    N3     sing N N 106 
DC  N3    C4     doub N N 107 
DC  C4    N4     sing N N 108 
DC  C4    C5     sing N N 109 
DC  N4    H41    sing N N 110 
DC  N4    H42    sing N N 111 
DC  C5    C6     doub N N 112 
DC  C5    H5     sing N N 113 
DC  C6    H6     sing N N 114 
DG  OP3   P      sing N N 115 
DG  OP3   HOP3   sing N N 116 
DG  P     OP1    doub N N 117 
DG  P     OP2    sing N N 118 
DG  P     "O5'"  sing N N 119 
DG  OP2   HOP2   sing N N 120 
DG  "O5'" "C5'"  sing N N 121 
DG  "C5'" "C4'"  sing N N 122 
DG  "C5'" "H5'"  sing N N 123 
DG  "C5'" "H5''" sing N N 124 
DG  "C4'" "O4'"  sing N N 125 
DG  "C4'" "C3'"  sing N N 126 
DG  "C4'" "H4'"  sing N N 127 
DG  "O4'" "C1'"  sing N N 128 
DG  "C3'" "O3'"  sing N N 129 
DG  "C3'" "C2'"  sing N N 130 
DG  "C3'" "H3'"  sing N N 131 
DG  "O3'" "HO3'" sing N N 132 
DG  "C2'" "C1'"  sing N N 133 
DG  "C2'" "H2'"  sing N N 134 
DG  "C2'" "H2''" sing N N 135 
DG  "C1'" N9     sing N N 136 
DG  "C1'" "H1'"  sing N N 137 
DG  N9    C8     sing Y N 138 
DG  N9    C4     sing Y N 139 
DG  C8    N7     doub Y N 140 
DG  C8    H8     sing N N 141 
DG  N7    C5     sing Y N 142 
DG  C5    C6     sing N N 143 
DG  C5    C4     doub Y N 144 
DG  C6    O6     doub N N 145 
DG  C6    N1     sing N N 146 
DG  N1    C2     sing N N 147 
DG  N1    H1     sing N N 148 
DG  C2    N2     sing N N 149 
DG  C2    N3     doub N N 150 
DG  N2    H21    sing N N 151 
DG  N2    H22    sing N N 152 
DG  N3    C4     sing N N 153 
DT  OP3   P      sing N N 154 
DT  OP3   HOP3   sing N N 155 
DT  P     OP1    doub N N 156 
DT  P     OP2    sing N N 157 
DT  P     "O5'"  sing N N 158 
DT  OP2   HOP2   sing N N 159 
DT  "O5'" "C5'"  sing N N 160 
DT  "C5'" "C4'"  sing N N 161 
DT  "C5'" "H5'"  sing N N 162 
DT  "C5'" "H5''" sing N N 163 
DT  "C4'" "O4'"  sing N N 164 
DT  "C4'" "C3'"  sing N N 165 
DT  "C4'" "H4'"  sing N N 166 
DT  "O4'" "C1'"  sing N N 167 
DT  "C3'" "O3'"  sing N N 168 
DT  "C3'" "C2'"  sing N N 169 
DT  "C3'" "H3'"  sing N N 170 
DT  "O3'" "HO3'" sing N N 171 
DT  "C2'" "C1'"  sing N N 172 
DT  "C2'" "H2'"  sing N N 173 
DT  "C2'" "H2''" sing N N 174 
DT  "C1'" N1     sing N N 175 
DT  "C1'" "H1'"  sing N N 176 
DT  N1    C2     sing N N 177 
DT  N1    C6     sing N N 178 
DT  C2    O2     doub N N 179 
DT  C2    N3     sing N N 180 
DT  N3    C4     sing N N 181 
DT  N3    H3     sing N N 182 
DT  C4    O4     doub N N 183 
DT  C4    C5     sing N N 184 
DT  C5    C7     sing N N 185 
DT  C5    C6     doub N N 186 
DT  C7    H71    sing N N 187 
DT  C7    H72    sing N N 188 
DT  C7    H73    sing N N 189 
DT  C6    H6     sing N N 190 
HOH O     H1     sing N N 191 
HOH O     H2     sing N N 192 
# 
_ndb_struct_conf_na.entry_id   4DNB 
_ndb_struct_conf_na.feature    'b-form double helix' 
# 
loop_
_ndb_struct_na_base_pair.model_number 
_ndb_struct_na_base_pair.i_label_asym_id 
_ndb_struct_na_base_pair.i_label_comp_id 
_ndb_struct_na_base_pair.i_label_seq_id 
_ndb_struct_na_base_pair.i_symmetry 
_ndb_struct_na_base_pair.j_label_asym_id 
_ndb_struct_na_base_pair.j_label_comp_id 
_ndb_struct_na_base_pair.j_label_seq_id 
_ndb_struct_na_base_pair.j_symmetry 
_ndb_struct_na_base_pair.shear 
_ndb_struct_na_base_pair.stretch 
_ndb_struct_na_base_pair.stagger 
_ndb_struct_na_base_pair.buckle 
_ndb_struct_na_base_pair.propeller 
_ndb_struct_na_base_pair.opening 
_ndb_struct_na_base_pair.pair_number 
_ndb_struct_na_base_pair.pair_name 
_ndb_struct_na_base_pair.i_auth_asym_id 
_ndb_struct_na_base_pair.i_auth_seq_id 
_ndb_struct_na_base_pair.i_PDB_ins_code 
_ndb_struct_na_base_pair.j_auth_asym_id 
_ndb_struct_na_base_pair.j_auth_seq_id 
_ndb_struct_na_base_pair.j_PDB_ins_code 
_ndb_struct_na_base_pair.hbond_type_28 
_ndb_struct_na_base_pair.hbond_type_12 
1 A DC  1  1_555 B DG  12 1_555 -0.224 0.072  0.036  2.838  -16.739 -0.256 1  A_DC1:DG24_B  A 1  ? B 24 ? 19 1 
1 A DG  2  1_555 B DC  11 1_555 -0.890 -0.428 0.285  2.561  -15.813 -3.931 2  A_DG2:DC23_B  A 2  ? B 23 ? 19 1 
1 A DC  3  1_555 B DG  10 1_555 0.291  -0.322 0.354  -7.585 1.268   -5.091 3  A_DC3:DG22_B  A 3  ? B 22 ? 19 1 
1 A DG  4  1_555 B DC  9  1_555 -0.507 -0.263 -0.327 6.949  -6.106  -1.281 4  A_DG4:DC21_B  A 4  ? B 21 ? 19 1 
1 A DA  5  1_555 B DT  8  1_555 0.815  0.038  0.080  0.375  -9.680  0.728  5  A_DA5:DT20_B  A 5  ? B 20 ? 20 1 
1 A 6MA 6  1_555 B DT  7  1_555 -0.051 -0.188 -0.177 1.241  -13.715 2.630  6  A_6MA6:DT19_B A 6  ? B 19 ? 20 1 
1 A DT  7  1_555 B 6MA 6  1_555 0.097  -0.168 -0.667 5.921  -11.104 -2.360 7  A_DT7:6MA18_B A 7  ? B 18 ? 20 1 
1 A DT  8  1_555 B DA  5  1_555 0.848  -0.441 -0.285 7.424  -15.181 4.603  8  A_DT8:DA17_B  A 8  ? B 17 ? 20 1 
1 A DC  9  1_555 B DG  4  1_555 0.053  -0.352 -0.241 -4.432 -19.604 1.346  9  A_DC9:DG16_B  A 9  ? B 16 ? 19 1 
1 A DG  10 1_555 B DC  3  1_555 -0.209 -0.238 0.323  6.302  -10.843 -0.275 10 A_DG10:DC15_B A 10 ? B 15 ? 19 1 
1 A DC  11 1_555 B DG  2  1_555 0.536  -0.303 0.375  1.874  -15.449 -3.248 11 A_DC11:DG14_B A 11 ? B 14 ? 19 1 
1 A DG  12 1_555 B DC  1  1_555 -0.470 -0.246 0.396  8.507  0.208   -4.941 12 A_DG12:DC13_B A 12 ? B 13 ? 19 1 
# 
loop_
_ndb_struct_na_base_pair_step.model_number 
_ndb_struct_na_base_pair_step.i_label_asym_id_1 
_ndb_struct_na_base_pair_step.i_label_comp_id_1 
_ndb_struct_na_base_pair_step.i_label_seq_id_1 
_ndb_struct_na_base_pair_step.i_symmetry_1 
_ndb_struct_na_base_pair_step.j_label_asym_id_1 
_ndb_struct_na_base_pair_step.j_label_comp_id_1 
_ndb_struct_na_base_pair_step.j_label_seq_id_1 
_ndb_struct_na_base_pair_step.j_symmetry_1 
_ndb_struct_na_base_pair_step.i_label_asym_id_2 
_ndb_struct_na_base_pair_step.i_label_comp_id_2 
_ndb_struct_na_base_pair_step.i_label_seq_id_2 
_ndb_struct_na_base_pair_step.i_symmetry_2 
_ndb_struct_na_base_pair_step.j_label_asym_id_2 
_ndb_struct_na_base_pair_step.j_label_comp_id_2 
_ndb_struct_na_base_pair_step.j_label_seq_id_2 
_ndb_struct_na_base_pair_step.j_symmetry_2 
_ndb_struct_na_base_pair_step.shift 
_ndb_struct_na_base_pair_step.slide 
_ndb_struct_na_base_pair_step.rise 
_ndb_struct_na_base_pair_step.tilt 
_ndb_struct_na_base_pair_step.roll 
_ndb_struct_na_base_pair_step.twist 
_ndb_struct_na_base_pair_step.x_displacement 
_ndb_struct_na_base_pair_step.y_displacement 
_ndb_struct_na_base_pair_step.helical_rise 
_ndb_struct_na_base_pair_step.inclination 
_ndb_struct_na_base_pair_step.tip 
_ndb_struct_na_base_pair_step.helical_twist 
_ndb_struct_na_base_pair_step.step_number 
_ndb_struct_na_base_pair_step.step_name 
_ndb_struct_na_base_pair_step.i_auth_asym_id_1 
_ndb_struct_na_base_pair_step.i_auth_seq_id_1 
_ndb_struct_na_base_pair_step.i_PDB_ins_code_1 
_ndb_struct_na_base_pair_step.j_auth_asym_id_1 
_ndb_struct_na_base_pair_step.j_auth_seq_id_1 
_ndb_struct_na_base_pair_step.j_PDB_ins_code_1 
_ndb_struct_na_base_pair_step.i_auth_asym_id_2 
_ndb_struct_na_base_pair_step.i_auth_seq_id_2 
_ndb_struct_na_base_pair_step.i_PDB_ins_code_2 
_ndb_struct_na_base_pair_step.j_auth_asym_id_2 
_ndb_struct_na_base_pair_step.j_auth_seq_id_2 
_ndb_struct_na_base_pair_step.j_PDB_ins_code_2 
1 A DC  1  1_555 B DG  12 1_555 A DG  2  1_555 B DC  11 1_555 -0.546 0.094  3.466 -4.387 4.439   33.589 -0.594 0.185  3.491 7.599 
7.510   34.148 1  AA_DC1DG2:DC23DG24_BB   A 1  ? B 24 ? A 2  ? B 23 ? 
1 A DG  2  1_555 B DC  11 1_555 A DC  3  1_555 B DG  10 1_555 0.496  0.348  3.720 -1.359 -7.286  45.459 1.151  -0.766 3.610 -9.354 
1.745   46.028 2  AA_DG2DC3:DG22DC23_BB   A 2  ? B 23 ? A 3  ? B 22 ? 
1 A DC  3  1_555 B DG  10 1_555 A DG  4  1_555 B DC  9  1_555 -0.221 0.421  3.192 5.725  10.327  24.976 -1.628 1.855  3.005 22.354 
-12.392 27.586 3  AA_DC3DG4:DC21DG22_BB   A 3  ? B 22 ? A 4  ? B 21 ? 
1 A DG  4  1_555 B DC  9  1_555 A DA  5  1_555 B DT  8  1_555 0.235  -0.022 3.368 -3.271 3.753   47.373 -0.336 -0.560 3.335 4.656 
4.058   47.619 4  AA_DG4DA5:DT20DC21_BB   A 4  ? B 21 ? A 5  ? B 20 ? 
1 A DA  5  1_555 B DT  8  1_555 A 6MA 6  1_555 B DT  7  1_555 -0.079 -0.318 3.271 1.165  -0.039  30.213 -0.602 0.387  3.266 -0.075 
-2.235  30.235 5  AA_DA56MA6:DT19DT20_BB  A 5  ? B 20 ? A 6  ? B 19 ? 
1 A 6MA 6  1_555 B DT  7  1_555 A DT  7  1_555 B 6MA 6  1_555 -0.154 -0.835 3.160 2.694  0.489   29.921 -1.707 0.830  3.121 0.945 
-5.204  30.043 6  AA_6MA6DT7:6MA18DT19_BB A 6  ? B 19 ? A 7  ? B 18 ? 
1 A DT  7  1_555 B 6MA 6  1_555 A DT  8  1_555 B DA  5  1_555 0.222  0.086  3.325 -0.938 -0.215  37.145 0.164  -0.476 3.318 -0.338 
1.473   37.157 7  AA_DT7DT8:DA176MA18_BB  A 7  ? B 18 ? A 8  ? B 17 ? 
1 A DT  8  1_555 B DA  5  1_555 A DC  9  1_555 B DG  4  1_555 -0.265 0.064  3.492 -1.873 0.498   38.701 0.031  0.155  3.501 0.750 
2.824   38.748 8  AA_DT8DC9:DG16DA17_BB   A 8  ? B 17 ? A 9  ? B 16 ? 
1 A DC  9  1_555 B DG  4  1_555 A DG  10 1_555 B DC  3  1_555 0.236  0.771  3.328 -6.479 4.072   29.720 0.635  -1.756 3.279 7.778 
12.375  30.668 9  AA_DC9DG10:DC15DG16_BB  A 9  ? B 16 ? A 10 ? B 15 ? 
1 A DG  10 1_555 B DC  3  1_555 A DC  11 1_555 B DG  2  1_555 -1.254 0.543  3.635 -2.839 -13.183 42.076 2.090  1.376  3.399 
-17.820 3.838   44.090 10 AA_DG10DC11:DG14DC15_BB A 10 ? B 15 ? A 11 ? B 14 ? 
1 A DC  11 1_555 B DG  2  1_555 A DG  12 1_555 B DC  1  1_555 0.384  0.269  3.287 1.286  1.383   33.620 0.237  -0.452 3.307 2.388 
-2.220  33.672 11 AA_DC11DG12:DC13DG14_BB A 11 ? B 14 ? A 12 ? B 13 ? 
# 
_atom_sites.entry_id                    4DNB 
_atom_sites.fract_transf_matrix[1][1]   -0.03151181 
_atom_sites.fract_transf_matrix[1][2]   -0.01237499 
_atom_sites.fract_transf_matrix[1][3]   -0.01942582 
_atom_sites.fract_transf_matrix[2][1]   0.00342314 
_atom_sites.fract_transf_matrix[2][2]   -0.02281684 
_atom_sites.fract_transf_matrix[2][3]   0.00898231 
_atom_sites.fract_transf_matrix[3][1]   -0.00852131 
_atom_sites.fract_transf_matrix[3][2]   0.00332851 
_atom_sites.fract_transf_matrix[3][3]   0.01170255 
_atom_sites.fract_transf_vector[1]      0.581304 
_atom_sites.fract_transf_vector[2]      0.514969 
_atom_sites.fract_transf_vector[3]      0.132687 
# 
loop_
_atom_type.symbol 
C 
N 
O 
P 
# 
loop_
_atom_site.group_PDB 
_atom_site.id 
_atom_site.type_symbol 
_atom_site.label_atom_id 
_atom_site.label_alt_id 
_atom_site.label_comp_id 
_atom_site.label_asym_id 
_atom_site.label_entity_id 
_atom_site.label_seq_id 
_atom_site.pdbx_PDB_ins_code 
_atom_site.Cartn_x 
_atom_site.Cartn_y 
_atom_site.Cartn_z 
_atom_site.occupancy 
_atom_site.B_iso_or_equiv 
_atom_site.pdbx_formal_charge 
_atom_site.auth_seq_id 
_atom_site.auth_comp_id 
_atom_site.auth_asym_id 
_atom_site.auth_atom_id 
_atom_site.pdbx_PDB_model_num 
ATOM   1   O "O5'" . DC  A 1 1  ? -10.967 -9.672  15.354  1.00 8.82  ? 1   DC  A "O5'" 1 
ATOM   2   C "C5'" . DC  A 1 1  ? -11.783 -10.186 14.243  1.00 8.64  ? 1   DC  A "C5'" 1 
ATOM   3   C "C4'" . DC  A 1 1  ? -12.032 -8.988  13.379  1.00 8.98  ? 1   DC  A "C4'" 1 
ATOM   4   O "O4'" . DC  A 1 1  ? -11.741 -7.755  14.204  1.00 8.98  ? 1   DC  A "O4'" 1 
ATOM   5   C "C3'" . DC  A 1 1  ? -11.250 -8.788  12.104  1.00 9.18  ? 1   DC  A "C3'" 1 
ATOM   6   O "O3'" . DC  A 1 1  ? -12.090 -8.121  11.154  1.00 10.15 ? 1   DC  A "O3'" 1 
ATOM   7   C "C2'" . DC  A 1 1  ? -10.191 -7.756  12.490  1.00 8.71  ? 1   DC  A "C2'" 1 
ATOM   8   C "C1'" . DC  A 1 1  ? -11.132 -6.813  13.321  1.00 7.36  ? 1   DC  A "C1'" 1 
ATOM   9   N N1    . DC  A 1 1  ? -10.435 -5.742  14.032  1.00 7.35  ? 1   DC  A N1    1 
ATOM   10  C C2    . DC  A 1 1  ? -11.084 -4.541  14.069  1.00 7.09  ? 1   DC  A C2    1 
ATOM   11  O O2    . DC  A 1 1  ? -12.191 -4.336  13.560  1.00 7.84  ? 1   DC  A O2    1 
ATOM   12  N N3    . DC  A 1 1  ? -10.468 -3.502  14.687  1.00 6.96  ? 1   DC  A N3    1 
ATOM   13  C C4    . DC  A 1 1  ? -9.196  -3.575  15.253  1.00 7.09  ? 1   DC  A C4    1 
ATOM   14  N N4    . DC  A 1 1  ? -8.694  -2.435  15.851  1.00 7.07  ? 1   DC  A N4    1 
ATOM   15  C C5    . DC  A 1 1  ? -8.529  -4.812  15.216  1.00 6.94  ? 1   DC  A C5    1 
ATOM   16  C C6    . DC  A 1 1  ? -9.179  -5.808  14.630  1.00 7.26  ? 1   DC  A C6    1 
ATOM   17  P P     . DG  A 1 2  ? -12.362 -8.830  9.756   1.00 11.94 ? 2   DG  A P     1 
ATOM   18  O OP1   . DG  A 1 2  ? -13.157 -9.985  9.996   1.00 11.96 ? 2   DG  A OP1   1 
ATOM   19  O OP2   . DG  A 1 2  ? -11.028 -8.994  9.077   1.00 11.61 ? 2   DG  A OP2   1 
ATOM   20  O "O5'" . DG  A 1 2  ? -13.540 -7.988  9.018   1.00 10.03 ? 2   DG  A "O5'" 1 
ATOM   21  C "C5'" . DG  A 1 2  ? -13.922 -6.857  9.782   1.00 8.38  ? 2   DG  A "C5'" 1 
ATOM   22  C "C4'" . DG  A 1 2  ? -14.127 -5.717  8.876   1.00 7.36  ? 2   DG  A "C4'" 1 
ATOM   23  O "O4'" . DG  A 1 2  ? -13.498 -4.477  9.328   1.00 6.03  ? 2   DG  A "O4'" 1 
ATOM   24  C "C3'" . DG  A 1 2  ? -13.338 -5.937  7.482   1.00 7.10  ? 2   DG  A "C3'" 1 
ATOM   25  O "O3'" . DG  A 1 2  ? -13.886 -5.079  6.617   1.00 8.34  ? 2   DG  A "O3'" 1 
ATOM   26  C "C2'" . DG  A 1 2  ? -11.925 -5.685  8.078   1.00 5.83  ? 2   DG  A "C2'" 1 
ATOM   27  C "C1'" . DG  A 1 2  ? -12.241 -4.338  8.814   1.00 4.05  ? 2   DG  A "C1'" 1 
ATOM   28  N N9    . DG  A 1 2  ? -11.221 -3.934  9.688   1.00 2.83  ? 2   DG  A N9    1 
ATOM   29  C C8    . DG  A 1 2  ? -10.155 -4.609  10.072  1.00 2.37  ? 2   DG  A C8    1 
ATOM   30  N N7    . DG  A 1 2  ? -9.302  -3.879  10.829  1.00 2.32  ? 2   DG  A N7    1 
ATOM   31  C C5    . DG  A 1 2  ? -9.868  -2.656  10.856  1.00 2.00  ? 2   DG  A C5    1 
ATOM   32  C C6    . DG  A 1 2  ? -9.464  -1.465  11.499  1.00 2.00  ? 2   DG  A C6    1 
ATOM   33  O O6    . DG  A 1 2  ? -8.394  -1.357  12.208  1.00 2.00  ? 2   DG  A O6    1 
ATOM   34  N N1    . DG  A 1 2  ? -10.241 -0.380  11.347  1.00 2.00  ? 2   DG  A N1    1 
ATOM   35  C C2    . DG  A 1 2  ? -11.376 -0.514  10.622  1.00 2.34  ? 2   DG  A C2    1 
ATOM   36  N N2    . DG  A 1 2  ? -12.147 0.442   10.394  1.00 2.26  ? 2   DG  A N2    1 
ATOM   37  N N3    . DG  A 1 2  ? -11.860 -1.586  9.961   1.00 2.21  ? 2   DG  A N3    1 
ATOM   38  C C4    . DG  A 1 2  ? -11.011 -2.626  10.145  1.00 2.00  ? 2   DG  A C4    1 
ATOM   39  P P     . DC  A 1 3  ? -13.893 -5.071  5.043   1.00 8.76  ? 3   DC  A P     1 
ATOM   40  O OP1   . DC  A 1 3  ? -15.001 -5.804  4.593   1.00 8.49  ? 3   DC  A OP1   1 
ATOM   41  O OP2   . DC  A 1 3  ? -12.496 -5.471  4.686   1.00 9.71  ? 3   DC  A OP2   1 
ATOM   42  O "O5'" . DC  A 1 3  ? -14.209 -3.635  4.396   1.00 7.73  ? 3   DC  A "O5'" 1 
ATOM   43  C "C5'" . DC  A 1 3  ? -14.815 -2.649  4.959   1.00 6.27  ? 3   DC  A "C5'" 1 
ATOM   44  C "C4'" . DC  A 1 3  ? -13.973 -1.438  5.294   1.00 5.47  ? 3   DC  A "C4'" 1 
ATOM   45  O "O4'" . DC  A 1 3  ? -12.881 -1.803  6.139   1.00 4.54  ? 3   DC  A "O4'" 1 
ATOM   46  C "C3'" . DC  A 1 3  ? -13.209 -0.722  4.181   1.00 5.80  ? 3   DC  A "C3'" 1 
ATOM   47  O "O3'" . DC  A 1 3  ? -14.000 -0.001  3.387   1.00 6.82  ? 3   DC  A "O3'" 1 
ATOM   48  C "C2'" . DC  A 1 3  ? -12.113 0.063   4.923   1.00 4.92  ? 3   DC  A "C2'" 1 
ATOM   49  C "C1'" . DC  A 1 3  ? -11.981 -0.611  6.205   1.00 4.25  ? 3   DC  A "C1'" 1 
ATOM   50  N N1    . DC  A 1 3  ? -10.699 -1.204  6.664   1.00 3.60  ? 3   DC  A N1    1 
ATOM   51  C C2    . DC  A 1 3  ? -9.862  -0.385  7.346   1.00 3.88  ? 3   DC  A C2    1 
ATOM   52  O O2    . DC  A 1 3  ? -10.073 0.789   7.585   1.00 4.27  ? 3   DC  A O2    1 
ATOM   53  N N3    . DC  A 1 3  ? -8.707  -0.942  7.839   1.00 4.17  ? 3   DC  A N3    1 
ATOM   54  C C4    . DC  A 1 3  ? -8.369  -2.276  7.676   1.00 4.20  ? 3   DC  A C4    1 
ATOM   55  N N4    . DC  A 1 3  ? -7.211  -2.782  8.159   1.00 4.94  ? 3   DC  A N4    1 
ATOM   56  C C5    . DC  A 1 3  ? -9.281  -3.076  6.981   1.00 4.08  ? 3   DC  A C5    1 
ATOM   57  C C6    . DC  A 1 3  ? -10.397 -2.507  6.498   1.00 3.70  ? 3   DC  A C6    1 
ATOM   58  P P     . DG  A 1 4  ? -13.433 0.437   1.976   1.00 8.67  ? 4   DG  A P     1 
ATOM   59  O OP1   . DG  A 1 4  ? -14.570 0.570   1.098   1.00 9.19  ? 4   DG  A OP1   1 
ATOM   60  O OP2   . DG  A 1 4  ? -12.385 -0.440  1.504   1.00 8.27  ? 4   DG  A OP2   1 
ATOM   61  O "O5'" . DG  A 1 4  ? -13.156 2.049   2.067   1.00 8.30  ? 4   DG  A "O5'" 1 
ATOM   62  C "C5'" . DG  A 1 4  ? -12.880 2.503   3.302   1.00 8.61  ? 4   DG  A "C5'" 1 
ATOM   63  C "C4'" . DG  A 1 4  ? -12.046 3.763   3.318   1.00 8.74  ? 4   DG  A "C4'" 1 
ATOM   64  O "O4'" . DG  A 1 4  ? -10.855 3.495   4.046   1.00 8.37  ? 4   DG  A "O4'" 1 
ATOM   65  C "C3'" . DG  A 1 4  ? -11.493 4.186   1.914   1.00 9.65  ? 4   DG  A "C3'" 1 
ATOM   66  O "O3'" . DG  A 1 4  ? -10.988 5.489   2.032   1.00 11.34 ? 4   DG  A "O3'" 1 
ATOM   67  C "C2'" . DG  A 1 4  ? -10.425 3.112   1.760   1.00 8.79  ? 4   DG  A "C2'" 1 
ATOM   68  C "C1'" . DG  A 1 4  ? -9.786  3.217   3.161   1.00 7.80  ? 4   DG  A "C1'" 1 
ATOM   69  N N9    . DG  A 1 4  ? -9.099  2.064   3.563   1.00 7.68  ? 4   DG  A N9    1 
ATOM   70  C C8    . DG  A 1 4  ? -9.222  0.822   3.158   1.00 6.93  ? 4   DG  A C8    1 
ATOM   71  N N7    . DG  A 1 4  ? -8.396  -0.020  3.760   1.00 7.05  ? 4   DG  A N7    1 
ATOM   72  C C5    . DG  A 1 4  ? -7.684  0.782   4.625   1.00 6.89  ? 4   DG  A C5    1 
ATOM   73  C C6    . DG  A 1 4  ? -6.660  0.493   5.538   1.00 6.99  ? 4   DG  A C6    1 
ATOM   74  O O6    . DG  A 1 4  ? -6.232  -0.664  5.760   1.00 7.16  ? 4   DG  A O6    1 
ATOM   75  N N1    . DG  A 1 4  ? -6.140  1.488   6.254   1.00 7.55  ? 4   DG  A N1    1 
ATOM   76  C C2    . DG  A 1 4  ? -6.625  2.722   6.071   1.00 7.59  ? 4   DG  A C2    1 
ATOM   77  N N2    . DG  A 1 4  ? -6.187  3.694   6.696   1.00 7.41  ? 4   DG  A N2    1 
ATOM   78  N N3    . DG  A 1 4  ? -7.588  3.117   5.227   1.00 7.50  ? 4   DG  A N3    1 
ATOM   79  C C4    . DG  A 1 4  ? -8.060  2.061   4.533   1.00 7.25  ? 4   DG  A C4    1 
ATOM   80  P P     . DA  A 1 5  ? -10.491 6.377   0.854   1.00 11.29 ? 5   DA  A P     1 
ATOM   81  O OP1   . DA  A 1 5  ? -11.513 7.344   0.737   1.00 12.18 ? 5   DA  A OP1   1 
ATOM   82  O OP2   . DA  A 1 5  ? -10.170 5.364   -0.198  1.00 12.53 ? 5   DA  A OP2   1 
ATOM   83  O "O5'" . DA  A 1 5  ? -9.229  7.380   1.073   1.00 11.08 ? 5   DA  A "O5'" 1 
ATOM   84  C "C5'" . DA  A 1 5  ? -8.907  7.514   2.420   1.00 9.70  ? 5   DA  A "C5'" 1 
ATOM   85  C "C4'" . DA  A 1 5  ? -7.526  7.430   2.874   1.00 8.12  ? 5   DA  A "C4'" 1 
ATOM   86  O "O4'" . DA  A 1 5  ? -7.085  6.155   3.217   1.00 7.31  ? 5   DA  A "O4'" 1 
ATOM   87  C "C3'" . DA  A 1 5  ? -6.391  7.995   1.936   1.00 7.95  ? 5   DA  A "C3'" 1 
ATOM   88  O "O3'" . DA  A 1 5  ? -5.799  8.976   2.761   1.00 9.02  ? 5   DA  A "O3'" 1 
ATOM   89  C "C2'" . DA  A 1 5  ? -5.562  6.823   1.588   1.00 6.90  ? 5   DA  A "C2'" 1 
ATOM   90  C "C1'" . DA  A 1 5  ? -5.676  5.908   2.821   1.00 5.00  ? 5   DA  A "C1'" 1 
ATOM   91  N N9    . DA  A 1 5  ? -5.706  4.567   2.517   1.00 3.87  ? 5   DA  A N9    1 
ATOM   92  C C8    . DA  A 1 5  ? -6.618  3.996   1.694   1.00 3.89  ? 5   DA  A C8    1 
ATOM   93  N N7    . DA  A 1 5  ? -6.508  2.664   1.611   1.00 3.67  ? 5   DA  A N7    1 
ATOM   94  C C5    . DA  A 1 5  ? -5.449  2.409   2.408   1.00 3.50  ? 5   DA  A C5    1 
ATOM   95  C C6    . DA  A 1 5  ? -4.813  1.192   2.728   1.00 3.69  ? 5   DA  A C6    1 
ATOM   96  N N6    . DA  A 1 5  ? -5.158  -0.008  2.225   1.00 4.35  ? 5   DA  A N6    1 
ATOM   97  N N1    . DA  A 1 5  ? -3.778  1.227   3.568   1.00 3.58  ? 5   DA  A N1    1 
ATOM   98  C C2    . DA  A 1 5  ? -3.445  2.440   4.062   1.00 4.14  ? 5   DA  A C2    1 
ATOM   99  N N3    . DA  A 1 5  ? -3.952  3.631   3.858   1.00 3.61  ? 5   DA  A N3    1 
ATOM   100 C C4    . DA  A 1 5  ? -4.961  3.521   3.002   1.00 3.22  ? 5   DA  A C4    1 
HETATM 101 P P     . 6MA A 1 6  ? -4.510  9.770   2.184   1.00 9.39  ? 6   6MA A P     1 
HETATM 102 O OP1   . 6MA A 1 6  ? -4.310  10.765  3.152   1.00 9.14  ? 6   6MA A OP1   1 
HETATM 103 O OP2   . 6MA A 1 6  ? -5.108  9.976   0.851   1.00 9.25  ? 6   6MA A OP2   1 
HETATM 104 O "O5'" . 6MA A 1 6  ? -3.320  8.707   2.409   1.00 8.26  ? 6   6MA A "O5'" 1 
HETATM 105 C "C5'" . 6MA A 1 6  ? -2.510  9.063   3.494   1.00 8.62  ? 6   6MA A "C5'" 1 
HETATM 106 C "C4'" . 6MA A 1 6  ? -1.366  8.079   3.618   1.00 8.22  ? 6   6MA A "C4'" 1 
HETATM 107 O "O4'" . 6MA A 1 6  ? -1.859  6.839   3.137   1.00 7.78  ? 6   6MA A "O4'" 1 
HETATM 108 C "C3'" . 6MA A 1 6  ? -0.086  8.382   2.796   1.00 8.50  ? 6   6MA A "C3'" 1 
HETATM 109 O "O3'" . 6MA A 1 6  ? 0.928   8.555   3.774   1.00 8.81  ? 6   6MA A "O3'" 1 
HETATM 110 C "C2'" . 6MA A 1 6  ? 0.081   7.204   1.865   1.00 7.58  ? 6   6MA A "C2'" 1 
HETATM 111 C "C1'" . 6MA A 1 6  ? -0.749  6.129   2.510   1.00 6.43  ? 6   6MA A "C1'" 1 
HETATM 112 N N9    . 6MA A 1 6  ? -1.432  5.161   1.723   1.00 5.70  ? 6   6MA A N9    1 
HETATM 113 C C8    . 6MA A 1 6  ? -2.397  5.305   0.830   1.00 5.15  ? 6   6MA A C8    1 
HETATM 114 N N7    . 6MA A 1 6  ? -2.810  4.153   0.313   1.00 5.35  ? 6   6MA A N7    1 
HETATM 115 C C5    . 6MA A 1 6  ? -2.057  3.227   0.966   1.00 4.62  ? 6   6MA A C5    1 
HETATM 116 C C6    . 6MA A 1 6  ? -2.031  1.838   0.847   1.00 4.52  ? 6   6MA A C6    1 
HETATM 117 N N1    . 6MA A 1 6  ? -1.158  1.188   1.623   1.00 5.26  ? 6   6MA A N1    1 
HETATM 118 C C2    . 6MA A 1 6  ? -0.324  1.877   2.443   1.00 5.17  ? 6   6MA A C2    1 
HETATM 119 N N3    . 6MA A 1 6  ? -0.258  3.195   2.617   1.00 5.47  ? 6   6MA A N3    1 
HETATM 120 C C4    . 6MA A 1 6  ? -1.198  3.799   1.825   1.00 5.17  ? 6   6MA A C4    1 
HETATM 121 N N6    . 6MA A 1 6  ? -2.808  1.087   0.047   1.00 4.04  ? 6   6MA A N6    1 
HETATM 122 C C1    . 6MA A 1 6  ? -3.687  1.827   -0.717  1.00 4.39  ? 6   6MA A C1    1 
ATOM   123 P P     . DT  A 1 7  ? 2.366   8.996   3.369   1.00 9.10  ? 7   DT  A P     1 
ATOM   124 O OP1   . DT  A 1 7  ? 2.973   9.760   4.394   1.00 9.09  ? 7   DT  A OP1   1 
ATOM   125 O OP2   . DT  A 1 7  ? 2.168   9.464   1.983   1.00 9.81  ? 7   DT  A OP2   1 
ATOM   126 O "O5'" . DT  A 1 7  ? 3.332   7.697   3.574   1.00 8.52  ? 7   DT  A "O5'" 1 
ATOM   127 C "C5'" . DT  A 1 7  ? 2.664   6.533   3.557   1.00 7.01  ? 7   DT  A "C5'" 1 
ATOM   128 C "C4'" . DT  A 1 7  ? 3.523   5.372   3.157   1.00 6.71  ? 7   DT  A "C4'" 1 
ATOM   129 O "O4'" . DT  A 1 7  ? 2.693   4.467   2.382   1.00 6.28  ? 7   DT  A "O4'" 1 
ATOM   130 C "C3'" . DT  A 1 7  ? 4.762   5.717   2.238   1.00 6.79  ? 7   DT  A "C3'" 1 
ATOM   131 O "O3'" . DT  A 1 7  ? 5.882   5.429   2.898   1.00 8.35  ? 7   DT  A "O3'" 1 
ATOM   132 C "C2'" . DT  A 1 7  ? 4.412   5.129   0.905   1.00 5.14  ? 7   DT  A "C2'" 1 
ATOM   133 C "C1'" . DT  A 1 7  ? 3.412   4.093   1.169   1.00 3.63  ? 7   DT  A "C1'" 1 
ATOM   134 N N1    . DT  A 1 7  ? 2.307   3.746   0.207   1.00 2.11  ? 7   DT  A N1    1 
ATOM   135 C C2    . DT  A 1 7  ? 2.051   2.426   0.167   1.00 2.00  ? 7   DT  A C2    1 
ATOM   136 O O2    . DT  A 1 7  ? 2.642   1.587   0.810   1.00 2.00  ? 7   DT  A O2    1 
ATOM   137 N N3    . DT  A 1 7  ? 1.051   2.007   -0.681  1.00 2.00  ? 7   DT  A N3    1 
ATOM   138 C C4    . DT  A 1 7  ? 0.265   2.865   -1.413  1.00 2.00  ? 7   DT  A C4    1 
ATOM   139 O O4    . DT  A 1 7  ? -0.649  2.346   -2.124  1.00 2.19  ? 7   DT  A O4    1 
ATOM   140 C C5    . DT  A 1 7  ? 0.530   4.227   -1.294  1.00 2.00  ? 7   DT  A C5    1 
ATOM   141 C C7    . DT  A 1 7  ? -0.258  5.233   -2.065  1.00 2.00  ? 7   DT  A C7    1 
ATOM   142 C C6    . DT  A 1 7  ? 1.540   4.602   -0.507  1.00 2.00  ? 7   DT  A C6    1 
ATOM   143 P P     . DT  A 1 8  ? 7.361   5.152   2.538   1.00 9.73  ? 8   DT  A P     1 
ATOM   144 O OP1   . DT  A 1 8  ? 8.214   5.383   3.697   1.00 8.61  ? 8   DT  A OP1   1 
ATOM   145 O OP2   . DT  A 1 8  ? 7.529   5.871   1.278   1.00 9.47  ? 8   DT  A OP2   1 
ATOM   146 O "O5'" . DT  A 1 8  ? 7.779   3.568   2.457   1.00 9.06  ? 8   DT  A "O5'" 1 
ATOM   147 C "C5'" . DT  A 1 8  ? 6.587   2.808   2.103   1.00 8.21  ? 8   DT  A "C5'" 1 
ATOM   148 C "C4'" . DT  A 1 8  ? 6.935   1.503   1.532   1.00 7.18  ? 8   DT  A "C4'" 1 
ATOM   149 O "O4'" . DT  A 1 8  ? 6.034   0.940   0.557   1.00 6.82  ? 8   DT  A "O4'" 1 
ATOM   150 C "C3'" . DT  A 1 8  ? 8.336   1.558   0.743   1.00 7.50  ? 8   DT  A "C3'" 1 
ATOM   151 O "O3'" . DT  A 1 8  ? 8.969   0.469   1.138   1.00 8.43  ? 8   DT  A "O3'" 1 
ATOM   152 C "C2'" . DT  A 1 8  ? 7.907   1.779   -0.636  1.00 6.46  ? 8   DT  A "C2'" 1 
ATOM   153 C "C1'" . DT  A 1 8  ? 6.531   1.022   -0.777  1.00 5.51  ? 8   DT  A "C1'" 1 
ATOM   154 N N1    . DT  A 1 8  ? 5.528   1.691   -1.672  1.00 4.06  ? 8   DT  A N1    1 
ATOM   155 C C2    . DT  A 1 8  ? 4.649   0.838   -2.247  1.00 4.00  ? 8   DT  A C2    1 
ATOM   156 O O2    . DT  A 1 8  ? 4.585   -0.363  -2.115  1.00 5.00  ? 8   DT  A O2    1 
ATOM   157 N N3    . DT  A 1 8  ? 3.682   1.376   -3.061  1.00 4.15  ? 8   DT  A N3    1 
ATOM   158 C C4    . DT  A 1 8  ? 3.588   2.716   -3.364  1.00 3.50  ? 8   DT  A C4    1 
ATOM   159 O O4    . DT  A 1 8  ? 2.629   3.004   -4.108  1.00 3.63  ? 8   DT  A O4    1 
ATOM   160 C C5    . DT  A 1 8  ? 4.525   3.541   -2.766  1.00 3.46  ? 8   DT  A C5    1 
ATOM   161 C C7    . DT  A 1 8  ? 4.524   5.030   -2.978  1.00 3.53  ? 8   DT  A C7    1 
ATOM   162 C C6    . DT  A 1 8  ? 5.452   3.009   -1.982  1.00 3.87  ? 8   DT  A C6    1 
ATOM   163 P P     . DC  A 1 9  ? 10.140  -0.403  0.644   1.00 9.39  ? 9   DC  A P     1 
ATOM   164 O OP1   . DC  A 1 9  ? 10.442  -1.194  1.823   1.00 8.91  ? 9   DC  A OP1   1 
ATOM   165 O OP2   . DC  A 1 9  ? 11.117  0.591   0.170   1.00 8.30  ? 9   DC  A OP2   1 
ATOM   166 O "O5'" . DC  A 1 9  ? 9.773   -1.717  -0.275  1.00 8.74  ? 9   DC  A "O5'" 1 
ATOM   167 C "C5'" . DC  A 1 9  ? 8.414   -2.064  -0.329  1.00 9.65  ? 9   DC  A "C5'" 1 
ATOM   168 C "C4'" . DC  A 1 9  ? 8.206   -3.396  -1.064  1.00 10.06 ? 9   DC  A "C4'" 1 
ATOM   169 O "O4'" . DC  A 1 9  ? 7.286   -3.279  -2.199  1.00 8.90  ? 9   DC  A "O4'" 1 
ATOM   170 C "C3'" . DC  A 1 9  ? 9.530   -3.868  -1.729  1.00 10.93 ? 9   DC  A "C3'" 1 
ATOM   171 O "O3'" . DC  A 1 9  ? 9.540   -5.224  -2.023  1.00 13.46 ? 9   DC  A "O3'" 1 
ATOM   172 C "C2'" . DC  A 1 9  ? 9.540   -2.933  -2.894  1.00 9.56  ? 9   DC  A "C2'" 1 
ATOM   173 C "C1'" . DC  A 1 9  ? 8.035   -2.938  -3.316  1.00 7.82  ? 9   DC  A "C1'" 1 
ATOM   174 N N1    . DC  A 1 9  ? 7.576   -1.616  -3.856  1.00 7.09  ? 9   DC  A N1    1 
ATOM   175 C C2    . DC  A 1 9  ? 6.537   -1.727  -4.729  1.00 6.46  ? 9   DC  A C2    1 
ATOM   176 O O2    . DC  A 1 9  ? 6.022   -2.779  -5.020  1.00 6.77  ? 9   DC  A O2    1 
ATOM   177 N N3    . DC  A 1 9  ? 6.095   -0.578  -5.307  1.00 6.19  ? 9   DC  A N3    1 
ATOM   178 C C4    . DC  A 1 9  ? 6.617   0.664   -5.068  1.00 6.10  ? 9   DC  A C4    1 
ATOM   179 N N4    . DC  A 1 9  ? 6.097   1.734   -5.706  1.00 5.89  ? 9   DC  A N4    1 
ATOM   180 C C5    . DC  A 1 9  ? 7.736   0.720   -4.180  1.00 6.29  ? 9   DC  A C5    1 
ATOM   181 C C6    . DC  A 1 9  ? 8.163   -0.380  -3.627  1.00 6.27  ? 9   DC  A C6    1 
ATOM   182 P P     . DG  A 1 10 ? 10.936  -5.879  -2.538  1.00 15.95 ? 10  DG  A P     1 
ATOM   183 O OP1   . DG  A 1 10 ? 10.997  -7.026  -1.694  1.00 16.11 ? 10  DG  A OP1   1 
ATOM   184 O OP2   . DG  A 1 10 ? 12.068  -4.909  -2.525  1.00 15.64 ? 10  DG  A OP2   1 
ATOM   185 O "O5'" . DG  A 1 10 ? 10.731  -6.524  -4.028  1.00 14.76 ? 10  DG  A "O5'" 1 
ATOM   186 C "C5'" . DG  A 1 10 ? 9.393   -6.201  -4.439  1.00 13.95 ? 10  DG  A "C5'" 1 
ATOM   187 C "C4'" . DG  A 1 10 ? 9.158   -6.616  -5.865  1.00 13.03 ? 10  DG  A "C4'" 1 
ATOM   188 O "O4'" . DG  A 1 10 ? 8.672   -5.456  -6.589  1.00 12.19 ? 10  DG  A "O4'" 1 
ATOM   189 C "C3'" . DG  A 1 10 ? 10.492  -6.943  -6.668  1.00 12.89 ? 10  DG  A "C3'" 1 
ATOM   190 O "O3'" . DG  A 1 10 ? 10.095  -7.465  -7.931  1.00 13.52 ? 10  DG  A "O3'" 1 
ATOM   191 C "C2'" . DG  A 1 10 ? 11.091  -5.567  -6.648  1.00 11.82 ? 10  DG  A "C2'" 1 
ATOM   192 C "C1'" . DG  A 1 10 ? 9.846   -4.853  -7.147  1.00 11.06 ? 10  DG  A "C1'" 1 
ATOM   193 N N9    . DG  A 1 10 ? 9.797   -3.480  -7.029  1.00 10.48 ? 10  DG  A N9    1 
ATOM   194 C C8    . DG  A 1 10 ? 10.574  -2.622  -6.393  1.00 10.44 ? 10  DG  A C8    1 
ATOM   195 N N7    . DG  A 1 10 ? 10.292  -1.348  -6.626  1.00 10.36 ? 10  DG  A N7    1 
ATOM   196 C C5    . DG  A 1 10 ? 9.236   -1.425  -7.507  1.00 10.04 ? 10  DG  A C5    1 
ATOM   197 C C6    . DG  A 1 10 ? 8.432   -0.445  -8.113  1.00 9.94  ? 10  DG  A C6    1 
ATOM   198 O O6    . DG  A 1 10 ? 8.635   0.780   -7.839  1.00 10.08 ? 10  DG  A O6    1 
ATOM   199 N N1    . DG  A 1 10 ? 7.478   -0.851  -8.926  1.00 9.60  ? 10  DG  A N1    1 
ATOM   200 C C2    . DG  A 1 10 ? 7.278   -2.130  -9.153  1.00 9.75  ? 10  DG  A C2    1 
ATOM   201 N N2    . DG  A 1 10 ? 6.437   -2.655  -9.916  1.00 9.42  ? 10  DG  A N2    1 
ATOM   202 N N3    . DG  A 1 10 ? 7.929   -3.147  -8.623  1.00 10.27 ? 10  DG  A N3    1 
ATOM   203 C C4    . DG  A 1 10 ? 8.919   -2.703  -7.793  1.00 10.18 ? 10  DG  A C4    1 
ATOM   204 P P     . DC  A 1 11 ? 10.527  -8.857  -8.430  1.00 13.93 ? 11  DC  A P     1 
ATOM   205 O OP1   . DC  A 1 11 ? 10.315  -10.038 -7.691  1.00 14.14 ? 11  DC  A OP1   1 
ATOM   206 O OP2   . DC  A 1 11 ? 11.988  -8.641  -8.541  1.00 14.50 ? 11  DC  A OP2   1 
ATOM   207 O "O5'" . DC  A 1 11 ? 9.641   -9.422  -9.689  1.00 13.45 ? 11  DC  A "O5'" 1 
ATOM   208 C "C5'" . DC  A 1 11 ? 8.253   -9.397  -9.315  1.00 12.59 ? 11  DC  A "C5'" 1 
ATOM   209 C "C4'" . DC  A 1 11 ? 7.550   -8.564  -10.431 1.00 11.97 ? 11  DC  A "C4'" 1 
ATOM   210 O "O4'" . DC  A 1 11 ? 8.116   -7.226  -10.371 1.00 10.83 ? 11  DC  A "O4'" 1 
ATOM   211 C "C3'" . DC  A 1 11 ? 7.750   -9.079  -11.846 1.00 11.96 ? 11  DC  A "C3'" 1 
ATOM   212 O "O3'" . DC  A 1 11 ? 6.510   -9.454  -12.414 1.00 13.91 ? 11  DC  A "O3'" 1 
ATOM   213 C "C2'" . DC  A 1 11 ? 8.378   -7.908  -12.601 1.00 10.70 ? 11  DC  A "C2'" 1 
ATOM   214 C "C1'" . DC  A 1 11 ? 8.154   -6.724  -11.796 1.00 8.47  ? 11  DC  A "C1'" 1 
ATOM   215 N N1    . DC  A 1 11 ? 9.126   -5.637  -11.562 1.00 6.80  ? 11  DC  A N1    1 
ATOM   216 C C2    . DC  A 1 11 ? 8.723   -4.411  -11.935 1.00 6.18  ? 11  DC  A C2    1 
ATOM   217 O O2    . DC  A 1 11 ? 7.688   -4.199  -12.540 1.00 6.33  ? 11  DC  A O2    1 
ATOM   218 N N3    . DC  A 1 11 ? 9.564   -3.374  -11.640 1.00 5.73  ? 11  DC  A N3    1 
ATOM   219 C C4    . DC  A 1 11 ? 10.744  -3.487  -10.976 1.00 5.79  ? 11  DC  A C4    1 
ATOM   220 N N4    . DC  A 1 11 ? 11.453  -2.362  -10.706 1.00 6.28  ? 11  DC  A N4    1 
ATOM   221 C C5    . DC  A 1 11 ? 11.137  -4.773  -10.579 1.00 6.27  ? 11  DC  A C5    1 
ATOM   222 C C6    . DC  A 1 11 ? 10.310  -5.787  -10.876 1.00 6.52  ? 11  DC  A C6    1 
ATOM   223 P P     . DG  A 1 12 ? 6.406   -10.147 -13.827 1.00 15.54 ? 12  DG  A P     1 
ATOM   224 O OP1   . DG  A 1 12 ? 5.037   -10.581 -13.896 1.00 15.39 ? 12  DG  A OP1   1 
ATOM   225 O OP2   . DG  A 1 12 ? 7.544   -11.098 -13.843 1.00 14.80 ? 12  DG  A OP2   1 
ATOM   226 O "O5'" . DG  A 1 12 ? 6.463   -9.297  -15.210 1.00 14.36 ? 12  DG  A "O5'" 1 
ATOM   227 C "C5'" . DG  A 1 12 ? 6.009   -8.018  -15.297 1.00 12.25 ? 12  DG  A "C5'" 1 
ATOM   228 C "C4'" . DG  A 1 12 ? 6.356   -7.256  -16.558 1.00 10.26 ? 12  DG  A "C4'" 1 
ATOM   229 O "O4'" . DG  A 1 12 ? 7.183   -6.079  -16.251 1.00 8.67  ? 12  DG  A "O4'" 1 
ATOM   230 C "C3'" . DG  A 1 12 ? 7.104   -7.859  -17.751 1.00 9.43  ? 12  DG  A "C3'" 1 
ATOM   231 O "O3'" . DG  A 1 12 ? 6.825   -7.010  -18.868 1.00 9.60  ? 12  DG  A "O3'" 1 
ATOM   232 C "C2'" . DG  A 1 12 ? 8.592   -7.611  -17.364 1.00 8.67  ? 12  DG  A "C2'" 1 
ATOM   233 C "C1'" . DG  A 1 12 ? 8.389   -6.082  -16.992 1.00 7.26  ? 12  DG  A "C1'" 1 
ATOM   234 N N9    . DG  A 1 12 ? 9.419   -5.623  -16.178 1.00 6.25  ? 12  DG  A N9    1 
ATOM   235 C C8    . DG  A 1 12 ? 10.260  -6.315  -15.446 1.00 5.80  ? 12  DG  A C8    1 
ATOM   236 N N7    . DG  A 1 12 ? 11.147  -5.583  -14.766 1.00 5.43  ? 12  DG  A N7    1 
ATOM   237 C C5    . DG  A 1 12 ? 10.826  -4.344  -15.086 1.00 5.96  ? 12  DG  A C5    1 
ATOM   238 C C6    . DG  A 1 12 ? 11.348  -3.087  -14.653 1.00 6.26  ? 12  DG  A C6    1 
ATOM   239 O O6    . DG  A 1 12 ? 12.342  -2.985  -13.895 1.00 6.48  ? 12  DG  A O6    1 
ATOM   240 N N1    . DG  A 1 12 ? 10.791  -1.980  -15.128 1.00 6.28  ? 12  DG  A N1    1 
ATOM   241 C C2    . DG  A 1 12 ? 9.744   -2.101  -15.978 1.00 6.51  ? 12  DG  A C2    1 
ATOM   242 N N2    . DG  A 1 12 ? 9.208   -1.082  -16.438 1.00 6.80  ? 12  DG  A N2    1 
ATOM   243 N N3    . DG  A 1 12 ? 9.148   -3.201  -16.462 1.00 6.36  ? 12  DG  A N3    1 
ATOM   244 C C4    . DG  A 1 12 ? 9.759   -4.290  -15.954 1.00 6.22  ? 12  DG  A C4    1 
ATOM   245 O "O5'" . DC  B 1 1  ? 14.280  6.859   -14.131 1.00 15.65 ? 13  DC  B "O5'" 1 
ATOM   246 C "C5'" . DC  B 1 1  ? 13.542  7.013   -15.343 1.00 15.54 ? 13  DC  B "C5'" 1 
ATOM   247 C "C4'" . DC  B 1 1  ? 12.422  6.024   -15.514 1.00 14.87 ? 13  DC  B "C4'" 1 
ATOM   248 O "O4'" . DC  B 1 1  ? 12.917  4.675   -15.267 1.00 13.87 ? 13  DC  B "O4'" 1 
ATOM   249 C "C3'" . DC  B 1 1  ? 11.205  6.110   -14.621 1.00 14.83 ? 13  DC  B "C3'" 1 
ATOM   250 O "O3'" . DC  B 1 1  ? 10.052  6.094   -15.468 1.00 16.08 ? 13  DC  B "O3'" 1 
ATOM   251 C "C2'" . DC  B 1 1  ? 11.190  4.861   -13.802 1.00 14.49 ? 13  DC  B "C2'" 1 
ATOM   252 C "C1'" . DC  B 1 1  ? 11.750  3.905   -14.984 1.00 13.41 ? 13  DC  B "C1'" 1 
ATOM   253 N N1    . DC  B 1 1  ? 12.257  2.665   -14.374 1.00 12.83 ? 13  DC  B N1    1 
ATOM   254 C C2    . DC  B 1 1  ? 11.599  1.534   -14.647 1.00 12.68 ? 13  DC  B C2    1 
ATOM   255 O O2    . DC  B 1 1  ? 10.609  1.465   -15.369 1.00 12.70 ? 13  DC  B O2    1 
ATOM   256 N N3    . DC  B 1 1  ? 12.080  0.404   -14.052 1.00 12.58 ? 13  DC  B N3    1 
ATOM   257 C C4    . DC  B 1 1  ? 13.201  0.367   -13.240 1.00 12.75 ? 13  DC  B C4    1 
ATOM   258 N N4    . DC  B 1 1  ? 13.638  -0.797  -12.705 1.00 12.36 ? 13  DC  B N4    1 
ATOM   259 C C5    . DC  B 1 1  ? 13.863  1.580   -12.982 1.00 12.78 ? 13  DC  B C5    1 
ATOM   260 C C6    . DC  B 1 1  ? 13.377  2.679   -13.555 1.00 12.70 ? 13  DC  B C6    1 
ATOM   261 P P     . DG  B 1 2  ? 9.255   7.490   -15.358 1.00 16.85 ? 14  DG  B P     1 
ATOM   262 O OP1   . DG  B 1 2  ? 9.723   8.165   -16.503 1.00 17.38 ? 14  DG  B OP1   1 
ATOM   263 O OP2   . DG  B 1 2  ? 9.662   7.976   -14.012 1.00 17.00 ? 14  DG  B OP2   1 
ATOM   264 O "O5'" . DG  B 1 2  ? 7.699   7.269   -15.616 1.00 16.11 ? 14  DG  B "O5'" 1 
ATOM   265 C "C5'" . DG  B 1 2  ? 7.504   6.389   -16.785 1.00 14.50 ? 14  DG  B "C5'" 1 
ATOM   266 C "C4'" . DG  B 1 2  ? 6.851   5.154   -16.198 1.00 12.77 ? 14  DG  B "C4'" 1 
ATOM   267 O "O4'" . DG  B 1 2  ? 7.692   4.458   -15.327 1.00 11.42 ? 14  DG  B "O4'" 1 
ATOM   268 C "C3'" . DG  B 1 2  ? 5.612   5.398   -15.289 1.00 12.04 ? 14  DG  B "C3'" 1 
ATOM   269 O "O3'" . DG  B 1 2  ? 4.488   5.391   -16.135 1.00 12.39 ? 14  DG  B "O3'" 1 
ATOM   270 C "C2'" . DG  B 1 2  ? 5.523   4.194   -14.382 1.00 11.26 ? 14  DG  B "C2'" 1 
ATOM   271 C "C1'" . DG  B 1 2  ? 6.679   3.349   -14.793 1.00 10.28 ? 14  DG  B "C1'" 1 
ATOM   272 N N9    . DG  B 1 2  ? 7.470   2.770   -13.808 1.00 9.63  ? 14  DG  B N9    1 
ATOM   273 C C8    . DG  B 1 2  ? 8.365   3.436   -13.044 1.00 9.04  ? 14  DG  B C8    1 
ATOM   274 N N7    . DG  B 1 2  ? 9.082   2.649   -12.272 1.00 8.81  ? 14  DG  B N7    1 
ATOM   275 C C5    . DG  B 1 2  ? 8.626   1.404   -12.555 1.00 8.20  ? 14  DG  B C5    1 
ATOM   276 C C6    . DG  B 1 2  ? 8.972   0.157   -12.043 1.00 8.07  ? 14  DG  B C6    1 
ATOM   277 O O6    . DG  B 1 2  ? 9.878   0.009   -11.175 1.00 7.92  ? 14  DG  B O6    1 
ATOM   278 N N1    . DG  B 1 2  ? 8.327   -0.882  -12.532 1.00 8.17  ? 14  DG  B N1    1 
ATOM   279 C C2    . DG  B 1 2  ? 7.389   -0.722  -13.466 1.00 8.34  ? 14  DG  B C2    1 
ATOM   280 N N2    . DG  B 1 2  ? 6.724   -1.623  -13.968 1.00 8.65  ? 14  DG  B N2    1 
ATOM   281 N N3    . DG  B 1 2  ? 6.974   0.401   -14.038 1.00 9.07  ? 14  DG  B N3    1 
ATOM   282 C C4    . DG  B 1 2  ? 7.661   1.447   -13.506 1.00 8.90  ? 14  DG  B C4    1 
ATOM   283 P P     . DC  B 1 3  ? 3.116   5.859   -15.437 1.00 12.55 ? 15  DC  B P     1 
ATOM   284 O OP1   . DC  B 1 3  ? 2.468   6.096   -16.649 1.00 12.03 ? 15  DC  B OP1   1 
ATOM   285 O OP2   . DC  B 1 3  ? 3.621   6.706   -14.339 1.00 12.11 ? 15  DC  B OP2   1 
ATOM   286 O "O5'" . DC  B 1 3  ? 2.413   4.543   -14.792 1.00 11.11 ? 15  DC  B "O5'" 1 
ATOM   287 C "C5'" . DC  B 1 3  ? 2.364   3.409   -15.656 1.00 8.34  ? 15  DC  B "C5'" 1 
ATOM   288 C "C4'" . DC  B 1 3  ? 2.444   2.114   -14.880 1.00 6.55  ? 15  DC  B "C4'" 1 
ATOM   289 O "O4'" . DC  B 1 3  ? 3.651   2.179   -14.057 1.00 5.66  ? 15  DC  B "O4'" 1 
ATOM   290 C "C3'" . DC  B 1 3  ? 1.419   1.707   -13.839 1.00 6.33  ? 15  DC  B "C3'" 1 
ATOM   291 O "O3'" . DC  B 1 3  ? 0.236   1.193   -14.398 1.00 7.08  ? 15  DC  B "O3'" 1 
ATOM   292 C "C2'" . DC  B 1 3  ? 2.182   0.644   -13.027 1.00 5.30  ? 15  DC  B "C2'" 1 
ATOM   293 C "C1'" . DC  B 1 3  ? 3.615   1.011   -13.117 1.00 3.89  ? 15  DC  B "C1'" 1 
ATOM   294 N N1    . DC  B 1 3  ? 4.392   1.531   -11.953 1.00 3.01  ? 15  DC  B N1    1 
ATOM   295 C C2    . DC  B 1 3  ? 5.111   0.628   -11.258 1.00 2.57  ? 15  DC  B C2    1 
ATOM   296 O O2    . DC  B 1 3  ? 5.184   -0.557  -11.384 1.00 2.71  ? 15  DC  B O2    1 
ATOM   297 N N3    . DC  B 1 3  ? 5.870   1.135   -10.220 1.00 2.33  ? 15  DC  B N3    1 
ATOM   298 C C4    . DC  B 1 3  ? 5.953   2.448   -9.859  1.00 2.00  ? 15  DC  B C4    1 
ATOM   299 N N4    . DC  B 1 3  ? 6.820   2.644   -8.847  1.00 2.84  ? 15  DC  B N4    1 
ATOM   300 C C5    . DC  B 1 3  ? 5.233   3.337   -10.605 1.00 2.35  ? 15  DC  B C5    1 
ATOM   301 C C6    . DC  B 1 3  ? 4.492   2.865   -11.623 1.00 2.63  ? 15  DC  B C6    1 
ATOM   302 P P     . DG  B 1 4  ? -1.086  1.020   -13.498 1.00 7.50  ? 16  DG  B P     1 
ATOM   303 O OP1   . DG  B 1 4  ? -2.251  0.923   -14.263 1.00 6.37  ? 16  DG  B OP1   1 
ATOM   304 O OP2   . DG  B 1 4  ? -0.888  2.232   -12.616 1.00 7.57  ? 16  DG  B OP2   1 
ATOM   305 O "O5'" . DG  B 1 4  ? -0.921  -0.366  -12.667 1.00 6.78  ? 16  DG  B "O5'" 1 
ATOM   306 C "C5'" . DG  B 1 4  ? -1.426  -1.530  -13.251 1.00 6.04  ? 16  DG  B "C5'" 1 
ATOM   307 C "C4'" . DG  B 1 4  ? -0.804  -2.629  -12.362 1.00 6.27  ? 16  DG  B "C4'" 1 
ATOM   308 O "O4'" . DG  B 1 4  ? 0.410   -2.071  -11.849 1.00 5.59  ? 16  DG  B "O4'" 1 
ATOM   309 C "C3'" . DG  B 1 4  ? -1.702  -2.905  -11.089 1.00 7.65  ? 16  DG  B "C3'" 1 
ATOM   310 O "O3'" . DG  B 1 4  ? -1.821  -4.237  -10.957 1.00 9.71  ? 16  DG  B "O3'" 1 
ATOM   311 C "C2'" . DG  B 1 4  ? -1.050  -2.113  -10.018 1.00 6.63  ? 16  DG  B "C2'" 1 
ATOM   312 C "C1'" . DG  B 1 4  ? 0.531   -2.176  -10.476 1.00 4.55  ? 16  DG  B "C1'" 1 
ATOM   313 N N9    . DG  B 1 4  ? 1.156   -1.144  -9.796  1.00 3.26  ? 16  DG  B N9    1 
ATOM   314 C C8    . DG  B 1 4  ? 0.737   0.111   -9.730  1.00 3.23  ? 16  DG  B C8    1 
ATOM   315 N N7    . DG  B 1 4  ? 1.500   0.904   -8.966  1.00 2.92  ? 16  DG  B N7    1 
ATOM   316 C C5    . DG  B 1 4  ? 2.439   0.091   -8.494  1.00 2.42  ? 16  DG  B C5    1 
ATOM   317 C C6    . DG  B 1 4  ? 3.538   0.336   -7.617  1.00 2.96  ? 16  DG  B C6    1 
ATOM   318 O O6    . DG  B 1 4  ? 3.816   1.457   -7.090  1.00 2.37  ? 16  DG  B O6    1 
ATOM   319 N N1    . DG  B 1 4  ? 4.344   -0.721  -7.328  1.00 2.86  ? 16  DG  B N1    1 
ATOM   320 C C2    . DG  B 1 4  ? 4.016   -1.916  -7.849  1.00 2.37  ? 16  DG  B C2    1 
ATOM   321 N N2    . DG  B 1 4  ? 4.676   -2.885  -7.575  1.00 2.61  ? 16  DG  B N2    1 
ATOM   322 N N3    . DG  B 1 4  ? 3.008   -2.296  -8.674  1.00 2.90  ? 16  DG  B N3    1 
ATOM   323 C C4    . DG  B 1 4  ? 2.260   -1.177  -8.953  1.00 2.92  ? 16  DG  B C4    1 
ATOM   324 P P     . DA  B 1 5  ? -2.791  -5.084  -10.041 1.00 11.13 ? 17  DA  B P     1 
ATOM   325 O OP1   . DA  B 1 5  ? -3.160  -6.164  -10.909 1.00 10.93 ? 17  DA  B OP1   1 
ATOM   326 O OP2   . DA  B 1 5  ? -3.821  -4.252  -9.442  1.00 10.11 ? 17  DA  B OP2   1 
ATOM   327 O "O5'" . DA  B 1 5  ? -1.827  -5.901  -8.991  1.00 10.68 ? 17  DA  B "O5'" 1 
ATOM   328 C "C5'" . DA  B 1 5  ? -0.419  -5.428  -9.226  1.00 10.61 ? 17  DA  B "C5'" 1 
ATOM   329 C "C4'" . DA  B 1 5  ? 0.419   -6.320  -8.304  1.00 10.36 ? 17  DA  B "C4'" 1 
ATOM   330 O "O4'" . DA  B 1 5  ? 1.367   -5.499  -7.589  1.00 10.14 ? 17  DA  B "O4'" 1 
ATOM   331 C "C3'" . DA  B 1 5  ? -0.376  -6.989  -7.163  1.00 10.66 ? 17  DA  B "C3'" 1 
ATOM   332 O "O3'" . DA  B 1 5  ? 0.234   -8.114  -6.667  1.00 12.26 ? 17  DA  B "O3'" 1 
ATOM   333 C "C2'" . DA  B 1 5  ? -0.463  -5.854  -6.186  1.00 10.00 ? 17  DA  B "C2'" 1 
ATOM   334 C "C1'" . DA  B 1 5  ? 0.979   -5.230  -6.253  1.00 8.13  ? 17  DA  B "C1'" 1 
ATOM   335 N N9    . DA  B 1 5  ? 0.810   -3.824  -6.093  1.00 7.20  ? 17  DA  B N9    1 
ATOM   336 C C8    . DA  B 1 5  ? -0.160  -3.088  -6.621  1.00 6.52  ? 17  DA  B C8    1 
ATOM   337 N N7    . DA  B 1 5  ? -0.010  -1.823  -6.287  1.00 6.69  ? 17  DA  B N7    1 
ATOM   338 C C5    . DA  B 1 5  ? 1.078   -1.752  -5.523  1.00 6.07  ? 17  DA  B C5    1 
ATOM   339 C C6    . DA  B 1 5  ? 1.711   -0.676  -4.868  1.00 6.40  ? 17  DA  B C6    1 
ATOM   340 N N6    . DA  B 1 5  ? 1.346   0.614   -4.886  1.00 6.13  ? 17  DA  B N6    1 
ATOM   341 N N1    . DA  B 1 5  ? 2.787   -0.980  -4.106  1.00 6.69  ? 17  DA  B N1    1 
ATOM   342 C C2    . DA  B 1 5  ? 3.245   -2.228  -4.100  1.00 6.40  ? 17  DA  B C2    1 
ATOM   343 N N3    . DA  B 1 5  ? 2.720   -3.312  -4.680  1.00 6.88  ? 17  DA  B N3    1 
ATOM   344 C C4    . DA  B 1 5  ? 1.609   -2.971  -5.375  1.00 6.46  ? 17  DA  B C4    1 
HETATM 345 O OP3   . 6MA B 1 6  ? -0.094  -10.440 -5.758  1.00 13.03 ? 18  6MA B OP3   1 
HETATM 346 P P     . 6MA B 1 6  ? -0.277  -9.049  -5.514  1.00 13.16 ? 18  6MA B P     1 
HETATM 347 O OP2   . 6MA B 1 6  ? -1.666  -8.540  -5.260  1.00 12.52 ? 18  6MA B OP2   1 
HETATM 348 O "O5'" . 6MA B 1 6  ? 0.869   -9.046  -4.319  1.00 11.63 ? 18  6MA B "O5'" 1 
HETATM 349 C "C5'" . 6MA B 1 6  ? 1.632   -7.987  -4.274  1.00 10.90 ? 18  6MA B "C5'" 1 
HETATM 350 C "C4'" . 6MA B 1 6  ? 2.298   -7.659  -2.991  1.00 10.75 ? 18  6MA B "C4'" 1 
HETATM 351 O "O4'" . 6MA B 1 6  ? 2.280   -6.241  -2.819  1.00 10.83 ? 18  6MA B "O4'" 1 
HETATM 352 C "C3'" . 6MA B 1 6  ? 1.614   -8.166  -1.673  1.00 11.56 ? 18  6MA B "C3'" 1 
HETATM 353 O "O3'" . 6MA B 1 6  ? 2.586   -8.195  -0.688  1.00 11.39 ? 18  6MA B "O3'" 1 
HETATM 354 C "C2'" . 6MA B 1 6  ? 0.538   -7.051  -1.412  1.00 10.93 ? 18  6MA B "C2'" 1 
HETATM 355 C "C1'" . 6MA B 1 6  ? 1.467   -5.835  -1.687  1.00 9.47  ? 18  6MA B "C1'" 1 
HETATM 356 N N9    . 6MA B 1 6  ? 0.732   -4.722  -2.048  1.00 8.41  ? 18  6MA B N9    1 
HETATM 357 C C8    . 6MA B 1 6  ? -0.410  -4.686  -2.750  1.00 8.17  ? 18  6MA B C8    1 
HETATM 358 N N7    . 6MA B 1 6  ? -0.885  -3.464  -2.931  1.00 7.83  ? 18  6MA B N7    1 
HETATM 359 C C5    . 6MA B 1 6  ? 0.036   -2.695  -2.283  1.00 7.91  ? 18  6MA B C5    1 
HETATM 360 C C6    . 6MA B 1 6  ? 0.084   -1.284  -2.109  1.00 7.63  ? 18  6MA B C6    1 
HETATM 361 N N1    . 6MA B 1 6  ? 1.131   -0.808  -1.428  1.00 7.70  ? 18  6MA B N1    1 
HETATM 362 C C2    . 6MA B 1 6  ? 2.066   -1.633  -0.965  1.00 7.91  ? 18  6MA B C2    1 
HETATM 363 N N3    . 6MA B 1 6  ? 2.123   -2.985  -1.047  1.00 8.32  ? 18  6MA B N3    1 
HETATM 364 C C4    . 6MA B 1 6  ? 1.042   -3.423  -1.748  1.00 7.94  ? 18  6MA B C4    1 
HETATM 365 N N6    . 6MA B 1 6  ? -0.819  -0.428  -2.652  1.00 7.05  ? 18  6MA B N6    1 
HETATM 366 C C1    . 6MA B 1 6  ? -1.895  -1.094  -3.343  1.00 6.68  ? 18  6MA B C1    1 
ATOM   367 P P     . DT  B 1 7  ? 2.314   -8.638  0.785   1.00 12.23 ? 19  DT  B P     1 
ATOM   368 O OP1   . DT  B 1 7  ? 3.524   -9.230  1.181   1.00 10.80 ? 19  DT  B OP1   1 
ATOM   369 O OP2   . DT  B 1 7  ? 0.905   -9.165  0.861   1.00 12.06 ? 19  DT  B OP2   1 
ATOM   370 O "O5'" . DT  B 1 7  ? 2.286   -7.243  1.695   1.00 10.68 ? 19  DT  B "O5'" 1 
ATOM   371 C "C5'" . DT  B 1 7  ? 3.662   -6.650  1.487   1.00 9.17  ? 19  DT  B "C5'" 1 
ATOM   372 C "C4'" . DT  B 1 7  ? 3.567   -5.363  2.283   1.00 8.09  ? 19  DT  B "C4'" 1 
ATOM   373 O "O4'" . DT  B 1 7  ? 2.376   -4.747  1.696   1.00 7.77  ? 19  DT  B "O4'" 1 
ATOM   374 C "C3'" . DT  B 1 7  ? 3.237   -5.439  3.766   1.00 8.25  ? 19  DT  B "C3'" 1 
ATOM   375 O "O3'" . DT  B 1 7  ? 4.331   -5.016  4.585   1.00 8.60  ? 19  DT  B "O3'" 1 
ATOM   376 C "C2'" . DT  B 1 7  ? 1.974   -4.543  3.975   1.00 7.45  ? 19  DT  B "C2'" 1 
ATOM   377 C "C1'" . DT  B 1 7  ? 1.895   -3.779  2.691   1.00 6.05  ? 19  DT  B "C1'" 1 
ATOM   378 N N1    . DT  B 1 7  ? 0.622   -3.354  2.062   1.00 4.93  ? 19  DT  B N1    1 
ATOM   379 C C2    . DT  B 1 7  ? 0.459   -2.014  1.994   1.00 4.93  ? 19  DT  B C2    1 
ATOM   380 O O2    . DT  B 1 7  ? 1.272   -1.210  2.474   1.00 5.19  ? 19  DT  B O2    1 
ATOM   381 N N3    . DT  B 1 7  ? -0.696  -1.548  1.388   1.00 4.66  ? 19  DT  B N3    1 
ATOM   382 C C4    . DT  B 1 7  ? -1.637  -2.372  0.817   1.00 4.87  ? 19  DT  B C4    1 
ATOM   383 O O4    . DT  B 1 7  ? -2.630  -1.797  0.244   1.00 5.11  ? 19  DT  B O4    1 
ATOM   384 C C5    . DT  B 1 7  ? -1.409  -3.760  0.880   1.00 4.54  ? 19  DT  B C5    1 
ATOM   385 C C7    . DT  B 1 7  ? -2.338  -4.787  0.282   1.00 4.45  ? 19  DT  B C7    1 
ATOM   386 C C6    . DT  B 1 7  ? -0.307  -4.177  1.485   1.00 4.70  ? 19  DT  B C6    1 
ATOM   387 P P     . DT  B 1 8  ? 4.115   -5.172  6.161   1.00 8.92  ? 20  DT  B P     1 
ATOM   388 O OP1   . DT  B 1 8  ? 5.306   -5.011  6.918   1.00 8.39  ? 20  DT  B OP1   1 
ATOM   389 O OP2   . DT  B 1 8  ? 3.446   -6.456  6.297   1.00 8.85  ? 20  DT  B OP2   1 
ATOM   390 O "O5'" . DT  B 1 8  ? 3.300   -3.815  6.466   1.00 8.39  ? 20  DT  B "O5'" 1 
ATOM   391 C "C5'" . DT  B 1 8  ? 4.357   -2.745  6.283   1.00 7.96  ? 20  DT  B "C5'" 1 
ATOM   392 C "C4'" . DT  B 1 8  ? 3.575   -1.551  6.686   1.00 8.04  ? 20  DT  B "C4'" 1 
ATOM   393 O "O4'" . DT  B 1 8  ? 2.350   -1.665  5.851   1.00 7.44  ? 20  DT  B "O4'" 1 
ATOM   394 C "C3'" . DT  B 1 8  ? 3.065   -1.383  8.131   1.00 8.46  ? 20  DT  B "C3'" 1 
ATOM   395 O "O3'" . DT  B 1 8  ? 3.319   -0.009  8.489   1.00 10.52 ? 20  DT  B "O3'" 1 
ATOM   396 C "C2'" . DT  B 1 8  ? 1.566   -1.599  8.101   1.00 7.23  ? 20  DT  B "C2'" 1 
ATOM   397 C "C1'" . DT  B 1 8  ? 1.286   -1.112  6.716   1.00 6.21  ? 20  DT  B "C1'" 1 
ATOM   398 N N1    . DT  B 1 8  ? 0.048   -1.476  5.988   1.00 5.70  ? 20  DT  B N1    1 
ATOM   399 C C2    . DT  B 1 8  ? -0.633  -0.391  5.547   1.00 5.14  ? 20  DT  B C2    1 
ATOM   400 O O2    . DT  B 1 8  ? -0.284  0.745   5.785   1.00 5.20  ? 20  DT  B O2    1 
ATOM   401 N N3    . DT  B 1 8  ? -1.793  -0.650  4.870   1.00 5.10  ? 20  DT  B N3    1 
ATOM   402 C C4    . DT  B 1 8  ? -2.268  -1.894  4.518   1.00 5.12  ? 20  DT  B C4    1 
ATOM   403 O O4    . DT  B 1 8  ? -3.360  -1.930  3.847   1.00 5.61  ? 20  DT  B O4    1 
ATOM   404 C C5    . DT  B 1 8  ? -1.521  -2.978  4.963   1.00 5.25  ? 20  DT  B C5    1 
ATOM   405 C C7    . DT  B 1 8  ? -1.937  -4.377  4.664   1.00 5.41  ? 20  DT  B C7    1 
ATOM   406 C C6    . DT  B 1 8  ? -0.411  -2.745  5.680   1.00 5.77  ? 20  DT  B C6    1 
ATOM   407 P P     . DC  B 1 9  ? 3.614   0.271   10.022  1.00 12.05 ? 21  DC  B P     1 
ATOM   408 O OP1   . DC  B 1 9  ? 4.851   0.951   10.100  1.00 11.75 ? 21  DC  B OP1   1 
ATOM   409 O OP2   . DC  B 1 9  ? 3.296   -0.984  10.707  1.00 11.64 ? 21  DC  B OP2   1 
ATOM   410 O "O5'" . DC  B 1 9  ? 2.598   1.518   10.424  1.00 12.43 ? 21  DC  B "O5'" 1 
ATOM   411 C "C5'" . DC  B 1 9  ? 1.497   1.683   9.540   1.00 12.02 ? 21  DC  B "C5'" 1 
ATOM   412 C "C4'" . DC  B 1 9  ? 0.912   3.051   9.827   1.00 12.50 ? 21  DC  B "C4'" 1 
ATOM   413 O "O4'" . DC  B 1 9  ? -0.242  3.311   8.949   1.00 12.28 ? 21  DC  B "O4'" 1 
ATOM   414 C "C3'" . DC  B 1 9  ? 0.288   3.262   11.261  1.00 12.85 ? 21  DC  B "C3'" 1 
ATOM   415 O "O3'" . DC  B 1 9  ? 0.455   4.610   11.650  1.00 13.77 ? 21  DC  B "O3'" 1 
ATOM   416 C "C2'" . DC  B 1 9  ? -1.048  2.649   11.081  1.00 11.48 ? 21  DC  B "C2'" 1 
ATOM   417 C "C1'" . DC  B 1 9  ? -1.396  2.820   9.524   1.00 9.83  ? 21  DC  B "C1'" 1 
ATOM   418 N N1    . DC  B 1 9  ? -1.962  1.601   8.896   1.00 8.61  ? 21  DC  B N1    1 
ATOM   419 C C2    . DC  B 1 9  ? -3.081  1.817   8.109   1.00 8.24  ? 21  DC  B C2    1 
ATOM   420 O O2    . DC  B 1 9  ? -3.599  2.886   7.838   1.00 8.10  ? 21  DC  B O2    1 
ATOM   421 N N3    . DC  B 1 9  ? -3.705  0.710   7.567   1.00 7.94  ? 21  DC  B N3    1 
ATOM   422 C C4    . DC  B 1 9  ? -3.264  -0.584  7.785   1.00 7.66  ? 21  DC  B C4    1 
ATOM   423 N N4    . DC  B 1 9  ? -3.963  -1.582  7.192   1.00 7.59  ? 21  DC  B N4    1 
ATOM   424 C C5    . DC  B 1 9  ? -2.142  -0.767  8.631   1.00 7.97  ? 21  DC  B C5    1 
ATOM   425 C C6    . DC  B 1 9  ? -1.575  0.313   9.133   1.00 8.13  ? 21  DC  B C6    1 
ATOM   426 P P     . DG  B 1 10 ? 0.081   5.086   13.177  1.00 15.22 ? 22  DG  B P     1 
ATOM   427 O OP1   . DG  B 1 10 ? 1.066   5.891   13.848  1.00 13.91 ? 22  DG  B OP1   1 
ATOM   428 O OP2   . DG  B 1 10 ? -0.326  3.779   13.756  1.00 14.86 ? 22  DG  B OP2   1 
ATOM   429 O "O5'" . DG  B 1 10 ? -0.997  6.284   12.852  1.00 12.92 ? 22  DG  B "O5'" 1 
ATOM   430 C "C5'" . DG  B 1 10 ? -1.783  5.831   11.733  1.00 11.74 ? 22  DG  B "C5'" 1 
ATOM   431 C "C4'" . DG  B 1 10 ? -3.236  5.746   11.997  1.00 10.17 ? 22  DG  B "C4'" 1 
ATOM   432 O "O4'" . DG  B 1 10 ? -3.992  4.666   11.492  1.00 8.50  ? 22  DG  B "O4'" 1 
ATOM   433 C "C3'" . DG  B 1 10 ? -3.738  5.756   13.476  1.00 10.46 ? 22  DG  B "C3'" 1 
ATOM   434 O "O3'" . DG  B 1 10 ? -4.972  6.498   13.225  1.00 11.51 ? 22  DG  B "O3'" 1 
ATOM   435 C "C2'" . DG  B 1 10 ? -3.954  4.290   13.814  1.00 8.27  ? 22  DG  B "C2'" 1 
ATOM   436 C "C1'" . DG  B 1 10 ? -4.776  3.990   12.532  1.00 6.89  ? 22  DG  B "C1'" 1 
ATOM   437 N N9    . DG  B 1 10 ? -4.840  2.694   12.075  1.00 6.06  ? 22  DG  B N9    1 
ATOM   438 C C8    . DG  B 1 10 ? -3.961  1.697   12.303  1.00 5.36  ? 22  DG  B C8    1 
ATOM   439 N N7    . DG  B 1 10 ? -4.249  0.571   11.666  1.00 4.82  ? 22  DG  B N7    1 
ATOM   440 C C5    . DG  B 1 10 ? -5.375  0.890   10.962  1.00 4.51  ? 22  DG  B C5    1 
ATOM   441 C C6    . DG  B 1 10 ? -6.199  0.120   10.119  1.00 4.38  ? 22  DG  B C6    1 
ATOM   442 O O6    . DG  B 1 10 ? -5.919  -1.084  9.873   1.00 4.79  ? 22  DG  B O6    1 
ATOM   443 N N1    . DG  B 1 10 ? -7.250  0.708   9.576   1.00 4.26  ? 22  DG  B N1    1 
ATOM   444 C C2    . DG  B 1 10 ? -7.520  1.989   9.893   1.00 4.19  ? 22  DG  B C2    1 
ATOM   445 N N2    . DG  B 1 10 ? -8.515  2.558   9.438   1.00 3.83  ? 22  DG  B N2    1 
ATOM   446 N N3    . DG  B 1 10 ? -6.846  2.839   10.668  1.00 4.58  ? 22  DG  B N3    1 
ATOM   447 C C4    . DG  B 1 10 ? -5.756  2.194   11.153  1.00 4.91  ? 22  DG  B C4    1 
ATOM   448 P P     . DC  B 1 11 ? -5.304  7.485   14.450  1.00 13.78 ? 23  DC  B P     1 
ATOM   449 O OP1   . DC  B 1 11 ? -4.559  8.523   13.871  1.00 13.40 ? 23  DC  B OP1   1 
ATOM   450 O OP2   . DC  B 1 11 ? -5.011  6.745   15.709  1.00 13.38 ? 23  DC  B OP2   1 
ATOM   451 O "O5'" . DC  B 1 11 ? -6.872  7.982   14.382  1.00 12.94 ? 23  DC  B "O5'" 1 
ATOM   452 C "C5'" . DC  B 1 11 ? -7.609  6.801   14.026  1.00 12.48 ? 23  DC  B "C5'" 1 
ATOM   453 C "C4'" . DC  B 1 11 ? -8.934  7.137   13.369  1.00 11.87 ? 23  DC  B "C4'" 1 
ATOM   454 O "O4'" . DC  B 1 11 ? -9.113  6.189   12.281  1.00 11.87 ? 23  DC  B "O4'" 1 
ATOM   455 C "C3'" . DC  B 1 11 ? -10.147 6.970   14.285  1.00 11.55 ? 23  DC  B "C3'" 1 
ATOM   456 O "O3'" . DC  B 1 11 ? -11.044 8.082   14.231  1.00 11.52 ? 23  DC  B "O3'" 1 
ATOM   457 C "C2'" . DC  B 1 11 ? -10.809 5.708   13.848  1.00 11.12 ? 23  DC  B "C2'" 1 
ATOM   458 C "C1'" . DC  B 1 11 ? -9.898  5.103   12.727  1.00 10.68 ? 23  DC  B "C1'" 1 
ATOM   459 N N1    . DC  B 1 11 ? -9.158  3.886   13.200  1.00 9.72  ? 23  DC  B N1    1 
ATOM   460 C C2    . DC  B 1 11 ? -9.581  2.740   12.600  1.00 9.67  ? 23  DC  B C2    1 
ATOM   461 O O2    . DC  B 1 11 ? -10.438 2.604   11.737  1.00 9.49  ? 23  DC  B O2    1 
ATOM   462 N N3    . DC  B 1 11 ? -8.956  1.581   12.997  1.00 10.06 ? 23  DC  B N3    1 
ATOM   463 C C4    . DC  B 1 11 ? -7.990  1.520   13.997  1.00 9.97  ? 23  DC  B C4    1 
ATOM   464 N N4    . DC  B 1 11 ? -7.481  0.291   14.252  1.00 10.09 ? 23  DC  B N4    1 
ATOM   465 C C5    . DC  B 1 11 ? -7.614  2.735   14.596  1.00 9.47  ? 23  DC  B C5    1 
ATOM   466 C C6    . DC  B 1 11 ? -8.216  3.822   14.175  1.00 9.31  ? 23  DC  B C6    1 
ATOM   467 P P     . DG  B 1 12 ? -12.410 7.997   15.093  1.00 11.72 ? 24  DG  B P     1 
ATOM   468 O OP1   . DG  B 1 12 ? -13.081 9.150   14.618  1.00 12.21 ? 24  DG  B OP1   1 
ATOM   469 O OP2   . DG  B 1 12 ? -11.860 7.673   16.435  1.00 11.71 ? 24  DG  B OP2   1 
ATOM   470 O "O5'" . DG  B 1 12 ? -13.554 6.927   14.789  1.00 9.18  ? 24  DG  B "O5'" 1 
ATOM   471 C "C5'" . DG  B 1 12 ? -14.358 7.137   13.697  1.00 7.08  ? 24  DG  B "C5'" 1 
ATOM   472 C "C4'" . DG  B 1 12 ? -14.843 5.744   13.370  1.00 6.36  ? 24  DG  B "C4'" 1 
ATOM   473 O "O4'" . DG  B 1 12 ? -13.784 4.818   13.399  1.00 5.50  ? 24  DG  B "O4'" 1 
ATOM   474 C "C3'" . DG  B 1 12 ? -15.868 5.183   14.419  1.00 5.67  ? 24  DG  B "C3'" 1 
ATOM   475 O "O3'" . DG  B 1 12 ? -17.097 5.776   14.008  1.00 6.82  ? 24  DG  B "O3'" 1 
ATOM   476 C "C2'" . DG  B 1 12 ? -15.716 3.745   14.248  1.00 4.38  ? 24  DG  B "C2'" 1 
ATOM   477 C "C1'" . DG  B 1 12 ? -14.321 3.510   13.811  1.00 3.45  ? 24  DG  B "C1'" 1 
ATOM   478 N N9    . DG  B 1 12 ? -13.323 2.969   14.621  1.00 2.12  ? 24  DG  B N9    1 
ATOM   479 C C8    . DG  B 1 12 ? -12.549 3.598   15.521  1.00 2.00  ? 24  DG  B C8    1 
ATOM   480 N N7    . DG  B 1 12 ? -11.622 2.812   16.083  1.00 2.00  ? 24  DG  B N7    1 
ATOM   481 C C5    . DG  B 1 12 ? -11.841 1.614   15.466  1.00 2.00  ? 24  DG  B C5    1 
ATOM   482 C C6    . DG  B 1 12 ? -11.157 0.387   15.592  1.00 2.04  ? 24  DG  B C6    1 
ATOM   483 O O6    . DG  B 1 12 ? -10.186 0.198   16.396  1.00 2.60  ? 24  DG  B O6    1 
ATOM   484 N N1    . DG  B 1 12 ? -11.554 -0.627  14.814  1.00 2.00  ? 24  DG  B N1    1 
ATOM   485 C C2    . DG  B 1 12 ? -12.541 -0.405  13.938  1.00 2.00  ? 24  DG  B C2    1 
ATOM   486 N N2    . DG  B 1 12 ? -12.946 -1.371  13.275  1.00 2.22  ? 24  DG  B N2    1 
ATOM   487 N N3    . DG  B 1 12 ? -13.262 0.689   13.714  1.00 2.00  ? 24  DG  B N3    1 
ATOM   488 C C4    . DG  B 1 12 ? -12.834 1.659   14.545  1.00 2.00  ? 24  DG  B C4    1 
HETATM 489 O O     . HOH C 2 .  ? 9.739   -9.798  -15.170 1.00 10.02 ? 25  HOH A O     1 
HETATM 490 O O     . HOH C 2 .  ? 4.337   5.897   7.870   1.00 30.80 ? 27  HOH A O     1 
HETATM 491 O O     . HOH C 2 .  ? -2.190  8.235   -1.055  1.00 29.25 ? 28  HOH A O     1 
HETATM 492 O O     . HOH C 2 .  ? 13.990  -0.670  -8.560  1.00 24.65 ? 31  HOH A O     1 
HETATM 493 O O     . HOH C 2 .  ? -6.440  -4.777  1.046   1.00 24.39 ? 38  HOH A O     1 
HETATM 494 O O     . HOH C 2 .  ? 10.257  -10.078 -0.659  1.00 23.35 ? 40  HOH A O     1 
HETATM 495 O O     . HOH C 2 .  ? -3.397  6.311   -3.802  1.00 19.22 ? 42  HOH A O     1 
HETATM 496 O O     . HOH C 2 .  ? 11.688  -4.577  4.225   1.00 20.92 ? 46  HOH A O     1 
HETATM 497 O O     . HOH C 2 .  ? -5.152  5.078   -1.806  1.00 23.93 ? 48  HOH A O     1 
HETATM 498 O O     . HOH C 2 .  ? -6.498  3.121   -3.682  1.00 19.17 ? 49  HOH A O     1 
HETATM 499 O O     . HOH C 2 .  ? -4.219  11.415  7.618   1.00 32.00 ? 53  HOH A O     1 
HETATM 500 O O     . HOH C 2 .  ? 9.777   6.053   8.161   1.00 25.32 ? 55  HOH A O     1 
HETATM 501 O O     . HOH C 2 .  ? -6.008  -4.916  11.632  1.00 8.61  ? 56  HOH A O     1 
HETATM 502 O O     . HOH C 2 .  ? -6.605  -2.120  17.994  1.00 27.48 ? 57  HOH A O     1 
HETATM 503 O O     . HOH C 2 .  ? 11.472  0.559   -5.458  1.00 22.98 ? 58  HOH A O     1 
HETATM 504 O O     . HOH C 2 .  ? -4.429  -2.156  16.236  1.00 21.37 ? 59  HOH A O     1 
HETATM 505 O O     . HOH C 2 .  ? 9.519   -8.780  3.995   1.00 13.39 ? 62  HOH A O     1 
HETATM 506 O O     . HOH C 2 .  ? 12.734  -11.432 -6.874  1.00 25.69 ? 64  HOH A O     1 
HETATM 507 O O     . HOH C 2 .  ? 11.002  5.501   4.439   1.00 29.42 ? 65  HOH A O     1 
HETATM 508 O O     . HOH C 2 .  ? 6.960   -13.409 -11.935 1.00 2.89  ? 66  HOH A O     1 
HETATM 509 O O     . HOH C 2 .  ? 8.454   -8.047  -1.542  1.00 22.19 ? 72  HOH A O     1 
HETATM 510 O O     . HOH C 2 .  ? 9.050   -8.283  1.261   1.00 37.89 ? 76  HOH A O     1 
HETATM 511 O O     . HOH C 2 .  ? -7.082  -3.384  4.375   1.00 29.94 ? 80  HOH A O     1 
HETATM 512 O O     . HOH C 2 .  ? -1.895  3.794   -3.869  1.00 26.23 ? 84  HOH A O     1 
HETATM 513 O O     . HOH C 2 .  ? 9.743   -13.285 -12.818 1.00 27.68 ? 88  HOH A O     1 
HETATM 514 O O     . HOH C 2 .  ? -7.736  0.958   -0.192  1.00 27.30 ? 90  HOH A O     1 
HETATM 515 O O     . HOH C 2 .  ? -4.239  -4.539  13.330  1.00 17.74 ? 93  HOH A O     1 
HETATM 516 O O     . HOH C 2 .  ? -6.155  -2.124  1.083   1.00 22.01 ? 94  HOH A O     1 
HETATM 517 O O     . HOH C 2 .  ? -9.812  -0.548  1.194   1.00 39.16 ? 95  HOH A O     1 
HETATM 518 O O     . HOH C 2 .  ? 14.029  1.684   -5.543  1.00 28.08 ? 96  HOH A O     1 
HETATM 519 O O     . HOH C 2 .  ? 3.320   -12.725 -15.476 1.00 33.93 ? 99  HOH A O     1 
HETATM 520 O O     . HOH C 2 .  ? -8.041  -5.914  9.889   1.00 29.74 ? 103 HOH A O     1 
HETATM 521 O O     . HOH C 2 .  ? -9.825  5.752   4.469   1.00 36.32 ? 104 HOH A O     1 
HETATM 522 O O     . HOH C 2 .  ? 5.163   -2.773  0.078   1.00 18.33 ? 106 HOH A O     1 
HETATM 523 O O     . HOH C 2 .  ? 8.039   8.411   5.158   1.00 27.74 ? 108 HOH A O     1 
HETATM 524 O O     . HOH C 2 .  ? -5.520  -5.178  6.911   1.00 20.07 ? 110 HOH A O     1 
HETATM 525 O O     . HOH C 2 .  ? -15.547 -0.226  -1.328  1.00 25.82 ? 111 HOH A O     1 
HETATM 526 O O     . HOH D 2 .  ? -6.065  4.353   17.526  1.00 28.04 ? 26  HOH B O     1 
HETATM 527 O O     . HOH D 2 .  ? -2.476  24.403  16.196  1.00 14.94 ? 29  HOH B O     1 
HETATM 528 O O     . HOH D 2 .  ? -5.053  -3.187  -2.003  1.00 10.63 ? 30  HOH B O     1 
HETATM 529 O O     . HOH D 2 .  ? 3.810   10.085  -5.708  1.00 13.37 ? 32  HOH B O     1 
HETATM 530 O O     . HOH D 2 .  ? 3.898   6.671   -7.687  1.00 17.94 ? 33  HOH B O     1 
HETATM 531 O O     . HOH D 2 .  ? 3.500   6.655   -10.524 1.00 20.06 ? 34  HOH B O     1 
HETATM 532 O O     . HOH D 2 .  ? 1.633   8.472   -4.228  1.00 4.25  ? 35  HOH B O     1 
HETATM 533 O O     . HOH D 2 .  ? 5.808   9.505   -7.984  1.00 14.18 ? 36  HOH B O     1 
HETATM 534 O O     . HOH D 2 .  ? 0.223   9.646   11.823  1.00 26.82 ? 37  HOH B O     1 
HETATM 535 O O     . HOH D 2 .  ? 7.650   -1.697  13.928  1.00 20.91 ? 39  HOH B O     1 
HETATM 536 O O     . HOH D 2 .  ? 15.236  5.538   -9.589  1.00 19.40 ? 41  HOH B O     1 
HETATM 537 O O     . HOH D 2 .  ? -0.136  21.007  14.050  1.00 25.46 ? 43  HOH B O     1 
HETATM 538 O O     . HOH D 2 .  ? 16.029  -2.817  -11.705 1.00 15.94 ? 44  HOH B O     1 
HETATM 539 O O     . HOH D 2 .  ? -4.100  -8.141  3.884   1.00 31.30 ? 45  HOH B O     1 
HETATM 540 O O     . HOH D 2 .  ? 9.593   -3.343  8.104   1.00 34.02 ? 47  HOH B O     1 
HETATM 541 O O     . HOH D 2 .  ? -3.180  0.471   -7.779  1.00 20.21 ? 50  HOH B O     1 
HETATM 542 O O     . HOH D 2 .  ? -10.757 7.185   18.639  1.00 19.54 ? 51  HOH B O     1 
HETATM 543 O O     . HOH D 2 .  ? 10.530  3.911   9.672   1.00 31.76 ? 52  HOH B O     1 
HETATM 544 O O     . HOH D 2 .  ? 2.934   11.960  -14.149 1.00 16.30 ? 54  HOH B O     1 
HETATM 545 O O     . HOH D 2 .  ? 4.022   0.453   14.357  1.00 22.75 ? 60  HOH B O     1 
HETATM 546 O O     . HOH D 2 .  ? 5.716   9.895   -15.564 1.00 14.78 ? 61  HOH B O     1 
HETATM 547 O O     . HOH D 2 .  ? -1.863  3.486   17.048  1.00 27.88 ? 63  HOH B O     1 
HETATM 548 O O     . HOH D 2 .  ? 3.942   2.714   5.327   1.00 24.79 ? 67  HOH B O     1 
HETATM 549 O O     . HOH D 2 .  ? 6.226   3.049   10.292  1.00 20.08 ? 68  HOH B O     1 
HETATM 550 O O     . HOH D 2 .  ? -3.087  -4.623  8.243   1.00 3.09  ? 69  HOH B O     1 
HETATM 551 O O     . HOH D 2 .  ? 2.946   8.891   10.973  1.00 21.83 ? 70  HOH B O     1 
HETATM 552 O O     . HOH D 2 .  ? 14.637  3.252   -16.912 1.00 19.36 ? 71  HOH B O     1 
HETATM 553 O O     . HOH D 2 .  ? 5.832   14.434  -14.114 1.00 20.48 ? 73  HOH B O     1 
HETATM 554 O O     . HOH D 2 .  ? 2.956   -9.816  -7.678  1.00 30.26 ? 74  HOH B O     1 
HETATM 555 O O     . HOH D 2 .  ? -6.083  -8.858  9.571   1.00 34.30 ? 75  HOH B O     1 
HETATM 556 O O     . HOH D 2 .  ? 1.260   6.536   -8.712  1.00 26.89 ? 77  HOH B O     1 
HETATM 557 O O     . HOH D 2 .  ? 10.875  3.934   -9.649  1.00 20.02 ? 78  HOH B O     1 
HETATM 558 O O     . HOH D 2 .  ? -3.785  1.638   -10.399 1.00 29.39 ? 79  HOH B O     1 
HETATM 559 O O     . HOH D 2 .  ? 1.154   2.903   5.098   1.00 29.88 ? 81  HOH B O     1 
HETATM 560 O O     . HOH D 2 .  ? 6.992   0.307   7.934   1.00 37.18 ? 82  HOH B O     1 
HETATM 561 O O     . HOH D 2 .  ? 6.428   2.973   6.807   1.00 25.74 ? 83  HOH B O     1 
HETATM 562 O O     . HOH D 2 .  ? -1.498  -8.727  -0.029  1.00 17.71 ? 85  HOH B O     1 
HETATM 563 O O     . HOH D 2 .  ? -0.133  5.971   -6.160  1.00 30.40 ? 86  HOH B O     1 
HETATM 564 O O     . HOH D 2 .  ? -1.901  2.975   -6.745  1.00 22.48 ? 87  HOH B O     1 
HETATM 565 O O     . HOH D 2 .  ? -4.499  -4.108  3.136   1.00 22.32 ? 89  HOH B O     1 
HETATM 566 O O     . HOH D 2 .  ? 16.168  -0.577  -14.973 1.00 21.60 ? 91  HOH B O     1 
HETATM 567 O O     . HOH D 2 .  ? -0.839  0.521   -6.137  1.00 17.82 ? 92  HOH B O     1 
HETATM 568 O O     . HOH D 2 .  ? 12.589  2.974   -7.713  1.00 32.97 ? 97  HOH B O     1 
HETATM 569 O O     . HOH D 2 .  ? 8.084   9.773   -17.376 1.00 34.66 ? 98  HOH B O     1 
HETATM 570 O O     . HOH D 2 .  ? -4.986  10.252  11.933  1.00 29.59 ? 100 HOH B O     1 
HETATM 571 O O     . HOH D 2 .  ? 6.674   -4.515  9.102   1.00 33.76 ? 101 HOH B O     1 
HETATM 572 O O     . HOH D 2 .  ? -5.227  6.287   9.750   1.00 24.60 ? 102 HOH B O     1 
HETATM 573 O O     . HOH D 2 .  ? -0.332  3.864   -10.170 1.00 29.01 ? 105 HOH B O     1 
HETATM 574 O O     . HOH D 2 .  ? -3.157  -3.757  -4.087  1.00 25.85 ? 107 HOH B O     1 
HETATM 575 O O     . HOH D 2 .  ? -3.946  -7.136  8.496   1.00 21.45 ? 109 HOH B O     1 
# 
